data_4Z3U
#
_entry.id   4Z3U
#
_cell.length_a   125.456
_cell.length_b   125.456
_cell.length_c   109.235
_cell.angle_alpha   90.00
_cell.angle_beta   90.00
_cell.angle_gamma   90.00
#
_symmetry.space_group_name_H-M   'P 43 21 2'
#
loop_
_entity.id
_entity.type
_entity.pdbx_description
1 polymer 'UL34 protein'
2 polymer UL31
3 non-polymer 'CHLORIDE ION'
4 non-polymer 'ZINC ION'
5 non-polymer 'SODIUM ION'
6 water water
#
loop_
_entity_poly.entity_id
_entity_poly.type
_entity_poly.pdbx_seq_one_letter_code
_entity_poly.pdbx_strand_id
1 'polypeptide(L)'
;GPLGSMSGTLVQRLKLILSGGNLRCSDGETACDPERPPTRCVFQVHGQDGSNDTFPLEYVLRL(MSE)RSWAHVPCDPYV
RVQNTGVSVLFQGFFFRPADAPLAAITAEHNNVILASTHSTG(MSE)SLSALDDIKRAGGVDTRPLRA(MSE)(MSE)SV
SCFVR(MSE)PRVQLSFRF(MSE)GPDDASQTQRLLDRAELRQRS
;
A,C
2 'polypeptide(L)'
;GPGSKTLTRAARDRYAPYFAYAAAQPSDEVTTVRGLSNPLIKTAPVTLPFDLGQAVADNCLSLSG(MSE)GYYLGLGGCC
PTCAAAEPRLGRSDRAALVLAYVQQLNSIYEYRVFLASVAARDPSERALEEVLAHPELFFAYYVLRDGGLRDVRVLFFED
PDAQGAL(MSE)(MSE)YVVFPEKSVHVHHRVLDRLLGACAGHRIVAHVWQT(MSE)FVLVVRKKGDGRPADDVPAVSAS
DIYCKMRDISFDGELLLEYKRLYAAFEDFRPPRP
;
B,D
#
loop_
_chem_comp.id
_chem_comp.type
_chem_comp.name
_chem_comp.formula
CL non-polymer 'CHLORIDE ION' 'Cl -1'
NA non-polymer 'SODIUM ION' 'Na 1'
ZN non-polymer 'ZINC ION' 'Zn 2'
#
# COMPACT_ATOMS: atom_id res chain seq x y z
N THR A 9 -20.76 29.92 -18.14
CA THR A 9 -19.32 29.90 -18.37
C THR A 9 -18.68 28.65 -17.78
N LEU A 10 -19.16 28.25 -16.60
CA LEU A 10 -18.64 27.06 -15.92
C LEU A 10 -18.84 25.81 -16.76
N VAL A 11 -19.98 25.72 -17.44
CA VAL A 11 -20.27 24.60 -18.32
C VAL A 11 -19.31 24.59 -19.49
N GLN A 12 -19.02 25.77 -20.04
CA GLN A 12 -18.09 25.91 -21.16
C GLN A 12 -16.69 25.46 -20.75
N ARG A 13 -16.25 25.95 -19.59
CA ARG A 13 -14.96 25.55 -19.02
C ARG A 13 -14.89 24.04 -18.83
N LEU A 14 -15.96 23.46 -18.31
CA LEU A 14 -16.00 22.03 -18.03
C LEU A 14 -15.95 21.20 -19.30
N LYS A 15 -16.67 21.63 -20.34
CA LYS A 15 -16.62 20.95 -21.63
C LYS A 15 -15.23 21.06 -22.24
N LEU A 16 -14.61 22.23 -22.08
CA LEU A 16 -13.24 22.44 -22.55
C LEU A 16 -12.28 21.48 -21.86
N ILE A 17 -12.49 21.27 -20.56
CA ILE A 17 -11.68 20.35 -19.78
C ILE A 17 -11.92 18.90 -20.20
N LEU A 18 -13.17 18.57 -20.47
CA LEU A 18 -13.55 17.20 -20.80
C LEU A 18 -13.47 16.94 -22.29
N SER A 19 -12.91 17.87 -23.05
CA SER A 19 -12.77 17.70 -24.49
C SER A 19 -11.77 16.58 -24.79
N GLY A 20 -10.87 16.35 -23.83
CA GLY A 20 -9.86 15.32 -23.97
C GLY A 20 -10.52 13.96 -23.99
N GLY A 21 -11.53 13.80 -23.14
CA GLY A 21 -12.26 12.56 -23.00
C GLY A 21 -13.58 12.55 -23.73
N ASN A 22 -14.38 11.51 -23.49
CA ASN A 22 -15.65 11.34 -24.17
C ASN A 22 -16.88 11.53 -23.28
N LEU A 23 -16.67 12.00 -22.05
CA LEU A 23 -17.76 12.25 -21.13
C LEU A 23 -18.61 13.43 -21.61
N ARG A 24 -19.92 13.39 -21.35
CA ARG A 24 -20.81 14.43 -21.89
C ARG A 24 -21.42 15.32 -20.81
N CYS A 25 -21.15 16.62 -20.87
CA CYS A 25 -21.71 17.53 -19.89
C CYS A 25 -23.05 18.13 -20.35
N SER A 26 -23.98 18.24 -19.41
CA SER A 26 -25.28 18.82 -19.70
C SER A 26 -25.19 20.33 -19.50
N ASP A 27 -25.77 21.08 -20.41
CA ASP A 27 -25.78 22.53 -20.34
C ASP A 27 -26.51 23.06 -19.11
N ALA A 31 -26.13 29.27 -15.52
CA ALA A 31 -25.65 30.64 -15.43
C ALA A 31 -25.63 31.11 -13.97
N CYS A 32 -25.14 30.25 -13.09
CA CYS A 32 -25.08 30.53 -11.66
C CYS A 32 -24.10 31.67 -11.36
N ASP A 33 -24.32 32.28 -10.18
CA ASP A 33 -23.62 33.49 -9.64
C ASP A 33 -22.80 33.31 -8.35
N PRO A 34 -21.57 33.94 -8.40
CA PRO A 34 -20.71 33.74 -7.22
C PRO A 34 -21.05 34.19 -5.83
N GLU A 35 -21.59 35.37 -5.59
CA GLU A 35 -21.81 35.77 -4.20
C GLU A 35 -22.78 34.91 -3.41
N ARG A 36 -23.82 34.44 -4.07
CA ARG A 36 -24.79 33.55 -3.48
C ARG A 36 -24.68 32.32 -4.37
N PRO A 37 -23.82 31.31 -3.89
CA PRO A 37 -23.75 30.18 -4.81
C PRO A 37 -24.85 29.15 -4.55
N PRO A 38 -25.36 28.54 -5.62
CA PRO A 38 -26.50 27.63 -5.56
C PRO A 38 -26.22 26.36 -4.76
N THR A 39 -27.22 25.89 -4.03
CA THR A 39 -27.13 24.64 -3.30
C THR A 39 -27.55 23.49 -4.21
N ARG A 40 -28.30 23.85 -5.25
CA ARG A 40 -28.75 22.89 -6.25
C ARG A 40 -27.60 22.37 -7.10
N CYS A 41 -27.86 21.31 -7.87
CA CYS A 41 -26.87 20.77 -8.79
C CYS A 41 -26.53 21.80 -9.86
N VAL A 42 -25.24 21.96 -10.14
CA VAL A 42 -24.80 23.00 -11.07
C VAL A 42 -24.33 22.42 -12.40
N PHE A 43 -24.03 21.13 -12.40
CA PHE A 43 -23.70 20.44 -13.65
C PHE A 43 -23.87 18.93 -13.53
N GLN A 44 -24.12 18.30 -14.67
CA GLN A 44 -24.27 16.86 -14.77
C GLN A 44 -23.37 16.32 -15.88
N VAL A 45 -22.59 15.29 -15.58
CA VAL A 45 -21.74 14.68 -16.58
C VAL A 45 -22.17 13.23 -16.75
N HIS A 46 -22.28 12.78 -18.00
CA HIS A 46 -22.80 11.45 -18.26
C HIS A 46 -21.82 10.59 -19.02
N GLY A 47 -21.72 9.32 -18.61
CA GLY A 47 -20.93 8.35 -19.34
C GLY A 47 -21.70 7.06 -19.52
N GLN A 48 -21.87 6.64 -20.77
CA GLN A 48 -22.71 5.48 -21.07
C GLN A 48 -21.98 4.16 -20.88
N ASP A 49 -22.69 3.06 -21.10
CA ASP A 49 -22.17 1.72 -20.81
C ASP A 49 -20.98 1.35 -21.70
N GLY A 50 -20.06 0.58 -21.15
CA GLY A 50 -18.88 0.12 -21.86
C GLY A 50 -17.78 1.15 -22.01
N SER A 51 -18.01 2.36 -21.52
CA SER A 51 -17.07 3.45 -21.71
C SER A 51 -15.97 3.43 -20.65
N ASN A 52 -14.75 3.76 -21.06
CA ASN A 52 -13.66 4.01 -20.12
C ASN A 52 -13.21 5.47 -20.20
N ASP A 53 -13.35 6.19 -19.11
CA ASP A 53 -12.99 7.62 -19.11
C ASP A 53 -12.57 8.10 -17.73
N THR A 54 -11.75 9.15 -17.71
CA THR A 54 -11.24 9.70 -16.45
C THR A 54 -11.85 11.07 -16.17
N PHE A 55 -12.15 11.33 -14.90
CA PHE A 55 -12.73 12.60 -14.49
C PHE A 55 -11.78 13.38 -13.59
N PRO A 56 -11.33 14.54 -14.06
CA PRO A 56 -10.43 15.40 -13.27
C PRO A 56 -11.15 15.99 -12.06
N LEU A 57 -11.40 15.15 -11.06
CA LEU A 57 -12.22 15.50 -9.91
C LEU A 57 -11.68 16.67 -9.09
N GLU A 58 -10.45 16.54 -8.62
CA GLU A 58 -9.86 17.56 -7.77
C GLU A 58 -9.76 18.90 -8.48
N TYR A 59 -9.40 18.84 -9.76
CA TYR A 59 -9.30 20.05 -10.57
C TYR A 59 -10.63 20.79 -10.63
N VAL A 60 -11.71 20.04 -10.86
CA VAL A 60 -13.05 20.61 -10.92
C VAL A 60 -13.47 21.19 -9.58
N LEU A 61 -13.15 20.47 -8.50
CA LEU A 61 -13.47 20.94 -7.15
C LEU A 61 -12.79 22.28 -6.85
N ARG A 62 -11.49 22.33 -7.13
CA ARG A 62 -10.69 23.50 -6.85
C ARG A 62 -11.13 24.67 -7.73
N LEU A 63 -11.55 24.34 -8.95
CA LEU A 63 -12.07 25.34 -9.88
C LEU A 63 -13.38 25.92 -9.36
N MSE A 64 -14.25 25.07 -8.85
CA MSE A 64 -15.53 25.51 -8.30
C MSE A 64 -15.33 26.41 -7.08
O MSE A 64 -16.01 27.42 -6.94
CB MSE A 64 -16.40 24.32 -7.93
CG MSE A 64 -16.94 23.56 -9.12
SE MSE A 64 -18.39 22.37 -8.60
CE MSE A 64 -17.38 21.16 -7.46
N ARG A 65 -14.35 26.08 -6.26
CA ARG A 65 -14.04 26.86 -5.08
C ARG A 65 -13.39 28.17 -5.45
N SER A 66 -12.78 28.23 -6.62
CA SER A 66 -12.15 29.44 -7.09
C SER A 66 -13.22 30.33 -7.64
N TRP A 67 -14.22 29.70 -8.23
CA TRP A 67 -15.33 30.42 -8.83
C TRP A 67 -16.13 31.25 -7.85
N ALA A 68 -16.31 30.72 -6.66
CA ALA A 68 -17.07 31.38 -5.63
C ALA A 68 -16.23 32.38 -4.89
N HIS A 69 -16.84 33.46 -4.44
CA HIS A 69 -16.10 34.45 -3.68
C HIS A 69 -16.40 34.41 -2.22
N VAL A 70 -17.08 33.34 -1.84
CA VAL A 70 -17.40 33.09 -0.44
C VAL A 70 -16.93 31.70 -0.05
N PRO A 71 -16.66 31.49 1.25
CA PRO A 71 -16.24 30.16 1.72
C PRO A 71 -17.26 29.08 1.39
N CYS A 72 -16.78 27.96 0.84
CA CYS A 72 -17.66 26.86 0.48
C CYS A 72 -16.89 25.54 0.44
N ASP A 73 -17.63 24.44 0.48
CA ASP A 73 -17.02 23.11 0.40
C ASP A 73 -17.57 22.34 -0.80
N PRO A 74 -16.94 22.53 -1.97
CA PRO A 74 -17.35 21.90 -3.23
C PRO A 74 -17.41 20.38 -3.14
N TYR A 75 -18.44 19.80 -3.74
CA TYR A 75 -18.67 18.37 -3.63
C TYR A 75 -19.19 17.81 -4.96
N VAL A 76 -18.76 16.60 -5.31
CA VAL A 76 -19.24 15.94 -6.51
C VAL A 76 -19.76 14.55 -6.19
N ARG A 77 -20.94 14.23 -6.70
CA ARG A 77 -21.54 12.91 -6.46
C ARG A 77 -21.50 12.03 -7.71
N VAL A 78 -21.14 10.77 -7.53
CA VAL A 78 -21.11 9.82 -8.63
C VAL A 78 -22.17 8.74 -8.43
N GLN A 79 -23.07 8.60 -9.40
CA GLN A 79 -24.18 7.66 -9.27
C GLN A 79 -24.25 6.66 -10.42
N ASN A 80 -24.71 5.46 -10.08
CA ASN A 80 -25.02 4.43 -11.06
C ASN A 80 -26.51 4.49 -11.39
N THR A 81 -26.85 5.12 -12.48
CA THR A 81 -28.23 5.35 -12.81
C THR A 81 -28.88 3.99 -12.95
N GLY A 82 -28.11 3.01 -13.40
CA GLY A 82 -28.62 1.75 -13.88
C GLY A 82 -28.62 1.59 -15.37
N VAL A 83 -28.40 2.67 -16.11
CA VAL A 83 -27.98 2.54 -17.49
C VAL A 83 -26.62 3.14 -17.79
N SER A 84 -26.19 4.03 -16.92
CA SER A 84 -25.00 4.85 -17.15
C SER A 84 -24.43 5.40 -15.85
N VAL A 85 -23.35 6.16 -15.95
CA VAL A 85 -22.77 6.83 -14.79
C VAL A 85 -23.05 8.33 -14.86
N LEU A 86 -23.40 8.89 -13.70
CA LEU A 86 -23.75 10.30 -13.59
C LEU A 86 -22.87 11.03 -12.56
N PHE A 87 -22.37 12.20 -12.95
CA PHE A 87 -21.61 13.06 -12.07
C PHE A 87 -22.39 14.34 -11.79
N GLN A 88 -22.63 14.65 -10.53
CA GLN A 88 -23.38 15.86 -10.19
C GLN A 88 -22.52 16.82 -9.38
N GLY A 89 -22.56 18.09 -9.75
CA GLY A 89 -21.72 19.10 -9.13
C GLY A 89 -22.43 20.01 -8.15
N PHE A 90 -21.82 20.24 -7.00
CA PHE A 90 -22.37 21.10 -5.95
C PHE A 90 -21.31 22.01 -5.36
N PHE A 91 -21.70 23.23 -5.01
CA PHE A 91 -20.82 24.15 -4.29
C PHE A 91 -20.81 23.82 -2.80
N PHE A 92 -21.87 23.16 -2.34
CA PHE A 92 -21.97 22.71 -0.96
C PHE A 92 -22.44 21.26 -0.93
N ARG A 93 -21.86 20.46 -0.05
CA ARG A 93 -22.24 19.07 0.08
C ARG A 93 -23.61 18.93 0.74
N PRO A 94 -24.57 18.33 0.01
CA PRO A 94 -25.93 18.08 0.51
C PRO A 94 -25.96 17.12 1.69
N ALA A 95 -26.98 17.24 2.53
CA ALA A 95 -27.14 16.35 3.68
C ALA A 95 -27.38 14.92 3.19
N ASP A 96 -28.04 14.83 2.04
CA ASP A 96 -28.35 13.56 1.41
C ASP A 96 -27.10 12.89 0.79
N ALA A 97 -26.07 13.70 0.55
CA ALA A 97 -24.91 13.26 -0.21
C ALA A 97 -23.98 12.30 0.53
N PRO A 98 -23.63 11.19 -0.12
CA PRO A 98 -22.71 10.16 0.39
C PRO A 98 -21.23 10.54 0.24
N LEU A 99 -20.34 9.84 0.94
CA LEU A 99 -18.90 10.03 0.79
C LEU A 99 -18.17 8.73 0.48
N ALA A 100 -17.08 8.83 -0.26
CA ALA A 100 -16.27 7.68 -0.64
C ALA A 100 -15.35 7.21 0.50
N ALA A 101 -15.52 5.96 0.90
CA ALA A 101 -14.68 5.38 1.95
C ALA A 101 -13.38 4.85 1.35
N ILE A 102 -12.45 5.76 1.07
CA ILE A 102 -11.20 5.41 0.39
C ILE A 102 -9.96 5.98 1.05
N THR A 103 -8.81 5.46 0.65
CA THR A 103 -7.51 5.99 1.06
C THR A 103 -6.68 6.22 -0.20
N ALA A 104 -5.53 6.86 -0.06
CA ALA A 104 -4.66 7.11 -1.20
C ALA A 104 -4.11 5.82 -1.80
N GLU A 105 -3.86 4.83 -0.95
CA GLU A 105 -3.32 3.56 -1.39
C GLU A 105 -4.39 2.62 -1.95
N HIS A 106 -5.53 2.55 -1.29
CA HIS A 106 -6.65 1.69 -1.73
C HIS A 106 -7.83 2.58 -2.03
N ASN A 107 -8.06 2.82 -3.31
CA ASN A 107 -9.04 3.80 -3.76
C ASN A 107 -10.06 3.26 -4.75
N ASN A 108 -10.43 1.99 -4.61
CA ASN A 108 -11.36 1.38 -5.55
C ASN A 108 -12.78 1.31 -4.98
N VAL A 109 -13.75 1.79 -5.76
CA VAL A 109 -15.14 1.78 -5.36
C VAL A 109 -16.02 1.18 -6.44
N ILE A 110 -16.82 0.18 -6.06
CA ILE A 110 -17.75 -0.45 -7.00
C ILE A 110 -19.18 -0.04 -6.70
N LEU A 111 -19.85 0.52 -7.71
CA LEU A 111 -21.21 1.02 -7.54
C LEU A 111 -22.24 0.08 -8.16
N ALA A 112 -23.17 -0.38 -7.33
CA ALA A 112 -24.32 -1.14 -7.83
C ALA A 112 -25.39 -0.19 -8.32
N SER A 113 -26.44 -0.73 -8.92
CA SER A 113 -27.51 0.08 -9.51
C SER A 113 -28.16 1.01 -8.48
N THR A 114 -28.38 2.26 -8.90
CA THR A 114 -29.04 3.30 -8.10
C THR A 114 -28.21 3.76 -6.91
N HIS A 115 -27.04 3.15 -6.73
CA HIS A 115 -26.16 3.48 -5.62
C HIS A 115 -25.22 4.63 -5.95
N SER A 116 -24.77 5.35 -4.93
CA SER A 116 -23.96 6.54 -5.12
C SER A 116 -22.72 6.59 -4.23
N THR A 117 -21.76 7.40 -4.64
CA THR A 117 -20.61 7.75 -3.81
C THR A 117 -20.38 9.24 -4.00
N GLY A 118 -19.41 9.80 -3.29
CA GLY A 118 -19.17 11.22 -3.40
C GLY A 118 -17.83 11.68 -2.88
N MSE A 119 -17.43 12.88 -3.28
CA MSE A 119 -16.18 13.46 -2.80
C MSE A 119 -16.33 14.97 -2.58
O MSE A 119 -16.63 15.72 -3.51
CB MSE A 119 -15.04 13.19 -3.78
CG MSE A 119 -13.66 13.56 -3.26
SE MSE A 119 -12.96 12.33 -1.92
CE MSE A 119 -13.71 13.11 -0.31
N SER A 120 -16.13 15.38 -1.34
CA SER A 120 -16.05 16.80 -1.02
C SER A 120 -14.58 17.20 -1.02
N LEU A 121 -14.32 18.48 -1.27
CA LEU A 121 -12.97 18.98 -1.39
C LEU A 121 -12.20 18.94 -0.07
N SER A 122 -12.91 19.21 1.02
CA SER A 122 -12.32 19.19 2.35
C SER A 122 -11.81 17.79 2.72
N ALA A 123 -12.70 16.81 2.60
CA ALA A 123 -12.35 15.43 2.92
C ALA A 123 -11.31 14.91 1.93
N LEU A 124 -11.32 15.46 0.72
CA LEU A 124 -10.28 15.17 -0.26
C LEU A 124 -8.94 15.65 0.29
N ASP A 125 -8.95 16.83 0.91
CA ASP A 125 -7.75 17.39 1.51
C ASP A 125 -7.29 16.50 2.68
N ASP A 126 -8.24 15.97 3.43
CA ASP A 126 -7.93 15.07 4.53
C ASP A 126 -7.27 13.79 4.05
N ILE A 127 -7.84 13.20 2.99
CA ILE A 127 -7.26 12.01 2.38
C ILE A 127 -5.86 12.29 1.85
N LYS A 128 -5.72 13.46 1.23
CA LYS A 128 -4.46 13.91 0.67
C LYS A 128 -3.37 14.02 1.74
N ARG A 129 -3.69 14.65 2.86
CA ARG A 129 -2.76 14.82 3.96
C ARG A 129 -2.43 13.49 4.63
N ALA A 130 -3.45 12.66 4.80
CA ALA A 130 -3.27 11.35 5.43
C ALA A 130 -2.38 10.45 4.59
N GLY A 131 -2.51 10.56 3.27
CA GLY A 131 -1.71 9.75 2.36
C GLY A 131 -0.26 10.19 2.26
N GLY A 132 0.01 11.43 2.68
CA GLY A 132 1.35 11.99 2.55
C GLY A 132 1.56 12.55 1.16
N VAL A 133 0.45 12.82 0.48
CA VAL A 133 0.47 13.31 -0.89
C VAL A 133 0.93 14.77 -0.97
N ASP A 134 1.71 15.08 -2.00
CA ASP A 134 2.23 16.43 -2.22
C ASP A 134 1.10 17.44 -2.40
N THR A 135 1.09 18.46 -1.57
CA THR A 135 0.07 19.51 -1.59
C THR A 135 0.37 20.71 -2.45
N ARG A 136 1.53 20.76 -3.07
CA ARG A 136 1.86 21.88 -3.92
C ARG A 136 0.95 21.82 -5.12
N PRO A 137 0.54 23.04 -5.60
CA PRO A 137 -0.41 22.98 -6.71
C PRO A 137 -0.07 22.25 -7.98
N LEU A 138 -1.02 21.46 -8.46
CA LEU A 138 -0.89 20.71 -9.72
C LEU A 138 0.25 19.69 -9.70
N ARG A 139 0.67 19.29 -8.51
CA ARG A 139 1.72 18.29 -8.38
C ARG A 139 1.11 16.91 -8.21
N ALA A 140 -0.09 16.87 -7.64
CA ALA A 140 -0.80 15.61 -7.44
C ALA A 140 -2.30 15.87 -7.33
N MSE A 141 -3.02 15.53 -8.39
CA MSE A 141 -4.45 15.81 -8.46
C MSE A 141 -5.27 14.52 -8.47
O MSE A 141 -5.10 13.68 -9.35
CB MSE A 141 -4.77 16.64 -9.70
CG MSE A 141 -3.94 17.90 -9.80
SE MSE A 141 -4.30 19.11 -8.32
CE MSE A 141 -6.05 19.74 -8.86
N MSE A 142 -6.18 14.39 -7.51
CA MSE A 142 -7.05 13.22 -7.46
C MSE A 142 -8.02 13.23 -8.64
O MSE A 142 -8.76 14.20 -8.84
CB MSE A 142 -7.83 13.16 -6.15
CG MSE A 142 -8.79 11.97 -6.09
SE MSE A 142 -10.01 12.01 -4.57
CE MSE A 142 -8.72 11.74 -3.13
N SER A 143 -8.00 12.15 -9.42
CA SER A 143 -8.93 11.98 -10.52
C SER A 143 -9.69 10.67 -10.34
N VAL A 144 -10.75 10.50 -11.11
CA VAL A 144 -11.57 9.29 -11.02
C VAL A 144 -11.50 8.48 -12.30
N SER A 145 -10.85 7.33 -12.23
CA SER A 145 -10.86 6.38 -13.33
C SER A 145 -12.21 5.68 -13.32
N CYS A 146 -12.96 5.86 -14.40
CA CYS A 146 -14.34 5.38 -14.47
C CYS A 146 -14.54 4.41 -15.62
N PHE A 147 -14.83 3.16 -15.25
CA PHE A 147 -15.16 2.13 -16.23
C PHE A 147 -16.63 1.74 -16.04
N VAL A 148 -17.47 2.10 -16.99
CA VAL A 148 -18.89 1.79 -16.88
C VAL A 148 -19.14 0.40 -17.43
N ARG A 149 -19.58 -0.51 -16.56
CA ARG A 149 -19.79 -1.90 -16.95
C ARG A 149 -21.05 -2.45 -16.30
N MSE A 150 -22.21 -2.11 -16.87
CA MSE A 150 -23.50 -2.51 -16.32
C MSE A 150 -23.56 -4.00 -15.98
O MSE A 150 -23.06 -4.82 -16.75
CB MSE A 150 -24.62 -2.15 -17.29
CG MSE A 150 -24.94 -0.67 -17.36
SE MSE A 150 -25.47 0.03 -15.61
CE MSE A 150 -24.28 1.57 -15.53
N PRO A 151 -24.20 -4.35 -14.85
CA PRO A 151 -24.95 -3.50 -13.91
C PRO A 151 -24.10 -2.67 -12.95
N ARG A 152 -22.78 -2.65 -13.14
CA ARG A 152 -21.90 -1.99 -12.19
C ARG A 152 -21.16 -0.78 -12.76
N VAL A 153 -20.77 0.14 -11.88
CA VAL A 153 -19.91 1.24 -12.26
C VAL A 153 -18.60 1.16 -11.48
N GLN A 154 -17.49 1.05 -12.19
CA GLN A 154 -16.19 0.89 -11.54
C GLN A 154 -15.47 2.23 -11.41
N LEU A 155 -15.10 2.57 -10.18
CA LEU A 155 -14.39 3.81 -9.90
C LEU A 155 -13.06 3.56 -9.22
N SER A 156 -12.08 4.39 -9.55
CA SER A 156 -10.79 4.37 -8.86
C SER A 156 -10.29 5.79 -8.66
N PHE A 157 -10.22 6.22 -7.40
CA PHE A 157 -9.83 7.59 -7.10
C PHE A 157 -8.31 7.71 -6.98
N ARG A 158 -7.64 7.90 -8.11
CA ARG A 158 -6.19 7.86 -8.15
C ARG A 158 -5.57 9.25 -8.24
N PHE A 159 -4.51 9.48 -7.47
CA PHE A 159 -3.77 10.73 -7.56
C PHE A 159 -2.85 10.70 -8.79
N MSE A 160 -3.00 11.72 -9.63
CA MSE A 160 -2.25 11.80 -10.89
C MSE A 160 -1.23 12.93 -10.85
O MSE A 160 -1.52 14.03 -10.34
CB MSE A 160 -3.21 11.99 -12.07
CG MSE A 160 -4.22 10.87 -12.23
SE MSE A 160 -3.43 9.22 -12.91
CE MSE A 160 -4.98 8.05 -12.77
N GLY A 161 -0.05 12.67 -11.38
CA GLY A 161 0.99 13.69 -11.43
C GLY A 161 1.23 14.17 -12.85
N PRO A 162 1.85 15.36 -12.99
CA PRO A 162 2.15 15.95 -14.30
C PRO A 162 3.21 15.16 -15.06
N ASP A 163 3.16 15.20 -16.39
CA ASP A 163 4.14 14.51 -17.21
C ASP A 163 5.52 15.14 -17.04
N ASP A 164 5.56 16.46 -17.12
CA ASP A 164 6.79 17.22 -16.87
C ASP A 164 6.53 18.32 -15.84
N ALA A 165 7.09 18.15 -14.65
CA ALA A 165 6.83 19.06 -13.54
C ALA A 165 7.39 20.45 -13.79
N SER A 166 8.49 20.48 -14.50
CA SER A 166 9.19 21.68 -14.83
C SER A 166 8.26 22.57 -15.61
N GLN A 167 7.58 21.99 -16.56
CA GLN A 167 6.67 22.74 -17.37
C GLN A 167 5.59 23.30 -16.48
N THR A 168 5.15 22.52 -15.51
CA THR A 168 4.11 22.97 -14.62
C THR A 168 4.53 24.16 -13.80
N GLN A 169 5.74 24.13 -13.29
CA GLN A 169 6.23 25.23 -12.50
C GLN A 169 6.35 26.48 -13.33
N ARG A 170 6.80 26.35 -14.57
CA ARG A 170 6.94 27.50 -15.42
C ARG A 170 5.60 28.13 -15.57
N LEU A 171 4.61 27.29 -15.76
CA LEU A 171 3.27 27.78 -15.94
C LEU A 171 2.80 28.47 -14.69
N LEU A 172 3.12 27.88 -13.56
CA LEU A 172 2.72 28.48 -12.30
C LEU A 172 3.37 29.83 -12.12
N ASP A 173 4.62 29.94 -12.53
CA ASP A 173 5.34 31.18 -12.39
C ASP A 173 4.71 32.27 -13.20
N ARG A 174 4.33 31.95 -14.43
CA ARG A 174 3.71 32.92 -15.27
C ARG A 174 2.47 33.40 -14.59
N ALA A 175 1.66 32.46 -14.15
CA ALA A 175 0.39 32.76 -13.50
C ALA A 175 0.59 33.73 -12.34
N GLU A 176 1.67 33.55 -11.60
CA GLU A 176 1.99 34.40 -10.46
C GLU A 176 2.33 35.82 -10.91
N LEU A 177 3.02 35.93 -12.05
CA LEU A 177 3.38 37.23 -12.59
C LEU A 177 2.15 38.05 -12.97
N ARG A 178 1.08 37.38 -13.39
CA ARG A 178 -0.16 38.06 -13.79
C ARG A 178 -0.79 38.84 -12.63
N GLN A 179 -0.43 38.50 -11.41
CA GLN A 179 -0.99 39.16 -10.23
C GLN A 179 0.09 39.88 -9.44
N THR B 6 -9.56 35.44 6.36
CA THR B 6 -9.39 34.01 6.53
C THR B 6 -8.10 33.71 7.30
N LEU B 7 -8.17 32.81 8.27
CA LEU B 7 -7.03 32.49 9.13
C LEU B 7 -5.83 31.97 8.38
N THR B 8 -6.07 31.07 7.41
CA THR B 8 -4.98 30.44 6.69
C THR B 8 -5.13 30.70 5.20
N ARG B 9 -4.06 31.10 4.54
CA ARG B 9 -4.24 31.38 3.14
C ARG B 9 -4.99 30.17 2.74
N ALA B 10 -6.14 30.43 2.17
CA ALA B 10 -7.09 29.42 1.76
C ALA B 10 -6.78 28.77 0.44
N ALA B 11 -7.52 27.70 0.18
CA ALA B 11 -7.40 26.95 -1.05
C ALA B 11 -7.75 27.96 -2.10
N ARG B 12 -7.05 27.87 -3.20
CA ARG B 12 -7.23 28.75 -4.32
C ARG B 12 -6.45 29.95 -3.99
N ASP B 13 -6.01 30.08 -2.74
CA ASP B 13 -5.17 31.24 -2.55
C ASP B 13 -3.86 30.87 -3.20
N ARG B 14 -3.46 29.65 -2.95
CA ARG B 14 -2.29 29.08 -3.57
C ARG B 14 -2.63 28.80 -5.00
N TYR B 15 -3.88 28.40 -5.23
CA TYR B 15 -4.37 28.04 -6.54
C TYR B 15 -4.99 29.18 -7.32
N ALA B 16 -5.10 30.35 -6.72
CA ALA B 16 -5.72 31.48 -7.41
C ALA B 16 -5.04 32.00 -8.66
N PRO B 17 -3.67 32.18 -8.63
CA PRO B 17 -3.10 32.72 -9.87
C PRO B 17 -3.30 31.84 -11.08
N TYR B 18 -2.98 30.56 -10.98
CA TYR B 18 -3.19 29.56 -12.01
C TYR B 18 -4.60 29.57 -12.57
N PHE B 19 -5.61 29.70 -11.71
CA PHE B 19 -6.99 29.65 -12.16
C PHE B 19 -7.40 30.92 -12.90
N ALA B 20 -6.89 32.06 -12.46
CA ALA B 20 -7.09 33.30 -13.20
C ALA B 20 -6.45 33.18 -14.58
N TYR B 21 -5.22 32.67 -14.60
CA TYR B 21 -4.46 32.49 -15.84
C TYR B 21 -5.16 31.51 -16.78
N ALA B 22 -5.81 30.50 -16.21
CA ALA B 22 -6.50 29.47 -16.96
C ALA B 22 -7.79 30.05 -17.53
N ALA B 23 -8.42 30.94 -16.77
CA ALA B 23 -9.56 31.68 -17.28
C ALA B 23 -9.10 32.54 -18.45
N ALA B 24 -7.87 33.05 -18.36
CA ALA B 24 -7.28 33.82 -19.44
C ALA B 24 -6.81 32.95 -20.60
N GLN B 25 -6.12 31.84 -20.28
CA GLN B 25 -5.54 30.90 -21.25
C GLN B 25 -6.07 29.46 -21.28
N PRO B 26 -7.01 29.31 -22.33
CA PRO B 26 -7.68 28.01 -22.49
C PRO B 26 -6.75 26.88 -22.89
N SER B 27 -5.89 27.11 -23.87
CA SER B 27 -4.98 26.10 -24.35
C SER B 27 -4.06 25.58 -23.28
N ASP B 28 -3.53 26.48 -22.49
CA ASP B 28 -2.65 26.13 -21.39
C ASP B 28 -3.40 25.30 -20.35
N GLU B 29 -4.68 25.63 -20.17
CA GLU B 29 -5.54 24.87 -19.27
C GLU B 29 -5.72 23.44 -19.76
N VAL B 30 -5.98 23.29 -21.06
CA VAL B 30 -6.13 21.98 -21.67
C VAL B 30 -4.86 21.16 -21.54
N THR B 31 -3.73 21.79 -21.85
CA THR B 31 -2.43 21.15 -21.74
C THR B 31 -2.17 20.69 -20.31
N THR B 32 -2.53 21.54 -19.34
CA THR B 32 -2.33 21.25 -17.94
C THR B 32 -3.17 20.06 -17.49
N VAL B 33 -4.46 20.10 -17.82
CA VAL B 33 -5.38 19.06 -17.38
C VAL B 33 -5.08 17.72 -18.04
N ARG B 34 -4.69 17.76 -19.31
CA ARG B 34 -4.33 16.53 -20.02
C ARG B 34 -2.96 16.00 -19.57
N GLY B 35 -2.11 16.90 -19.10
CA GLY B 35 -0.77 16.53 -18.66
C GLY B 35 -0.74 15.68 -17.41
N LEU B 36 -1.83 15.69 -16.66
CA LEU B 36 -1.91 14.91 -15.42
C LEU B 36 -2.19 13.44 -15.71
N SER B 37 -1.23 12.78 -16.37
CA SER B 37 -1.44 11.40 -16.81
C SER B 37 -0.49 10.42 -16.12
N ASN B 38 0.24 10.88 -15.11
CA ASN B 38 1.17 10.02 -14.40
C ASN B 38 0.64 9.61 -13.04
N PRO B 39 0.26 8.32 -12.90
CA PRO B 39 -0.26 7.79 -11.63
C PRO B 39 0.83 7.66 -10.58
N LEU B 40 0.56 8.20 -9.39
CA LEU B 40 1.56 8.20 -8.32
C LEU B 40 1.70 6.84 -7.68
N ILE B 41 0.59 6.12 -7.56
CA ILE B 41 0.60 4.77 -7.01
C ILE B 41 0.25 3.76 -8.09
N LYS B 42 1.23 2.93 -8.46
CA LYS B 42 1.07 2.01 -9.57
C LYS B 42 0.74 0.59 -9.09
N THR B 43 1.17 0.28 -7.87
CA THR B 43 0.80 -0.98 -7.21
C THR B 43 0.48 -0.73 -5.74
N ALA B 44 -0.36 -1.58 -5.18
CA ALA B 44 -0.71 -1.49 -3.76
C ALA B 44 -0.87 -2.89 -3.17
N PRO B 45 -0.30 -3.12 -1.98
CA PRO B 45 -0.37 -4.44 -1.34
C PRO B 45 -1.78 -4.80 -0.87
N VAL B 46 -2.13 -6.07 -0.99
CA VAL B 46 -3.41 -6.57 -0.50
C VAL B 46 -3.16 -7.80 0.35
N THR B 47 -4.18 -8.24 1.10
CA THR B 47 -4.04 -9.40 1.95
C THR B 47 -5.09 -10.47 1.61
N LEU B 48 -4.69 -11.73 1.76
CA LEU B 48 -5.59 -12.85 1.53
C LEU B 48 -6.37 -13.20 2.80
N PRO B 49 -7.63 -13.66 2.63
CA PRO B 49 -8.35 -13.86 1.37
C PRO B 49 -8.77 -12.55 0.72
N PHE B 50 -8.46 -12.40 -0.57
CA PHE B 50 -8.78 -11.18 -1.30
C PHE B 50 -9.87 -11.42 -2.33
N ASP B 51 -10.93 -10.64 -2.26
CA ASP B 51 -12.03 -10.73 -3.22
C ASP B 51 -11.66 -9.96 -4.47
N LEU B 52 -11.64 -10.65 -5.60
CA LEU B 52 -11.22 -10.06 -6.88
C LEU B 52 -12.27 -9.10 -7.42
N GLY B 53 -13.44 -9.08 -6.78
CA GLY B 53 -14.50 -8.17 -7.16
C GLY B 53 -14.19 -6.73 -6.81
N GLN B 54 -13.13 -6.53 -6.02
CA GLN B 54 -12.72 -5.20 -5.60
C GLN B 54 -11.81 -4.54 -6.63
N ALA B 55 -11.45 -5.30 -7.67
CA ALA B 55 -10.54 -4.81 -8.70
C ALA B 55 -11.31 -4.28 -9.91
N VAL B 56 -10.87 -3.13 -10.40
CA VAL B 56 -11.50 -2.54 -11.58
C VAL B 56 -10.92 -3.14 -12.86
N ALA B 57 -11.33 -2.60 -14.00
CA ALA B 57 -11.04 -3.20 -15.30
C ALA B 57 -9.55 -3.27 -15.64
N ASP B 58 -8.78 -2.26 -15.25
CA ASP B 58 -7.37 -2.20 -15.63
C ASP B 58 -6.42 -2.69 -14.54
N ASN B 59 -6.99 -3.28 -13.49
CA ASN B 59 -6.18 -3.84 -12.41
C ASN B 59 -5.70 -5.26 -12.70
N CYS B 60 -4.46 -5.54 -12.34
CA CYS B 60 -3.86 -6.84 -12.47
C CYS B 60 -3.57 -7.39 -11.10
N LEU B 61 -3.36 -8.69 -10.99
CA LEU B 61 -3.08 -9.28 -9.68
C LEU B 61 -1.74 -10.02 -9.67
N SER B 62 -1.04 -9.90 -8.55
CA SER B 62 0.25 -10.53 -8.38
C SER B 62 0.35 -11.30 -7.08
N LEU B 63 0.78 -12.55 -7.15
CA LEU B 63 0.95 -13.37 -5.95
C LEU B 63 2.33 -14.02 -5.94
N SER B 64 3.10 -13.79 -4.88
CA SER B 64 4.43 -14.37 -4.76
C SER B 64 5.01 -14.24 -3.37
N GLY B 65 6.25 -14.67 -3.21
CA GLY B 65 6.93 -14.59 -1.93
C GLY B 65 7.21 -13.15 -1.52
N MSE B 66 7.09 -12.24 -2.48
CA MSE B 66 7.23 -10.81 -2.22
C MSE B 66 5.95 -10.24 -1.66
O MSE B 66 5.90 -9.09 -1.23
CB MSE B 66 7.63 -10.07 -3.50
CG MSE B 66 8.95 -10.51 -4.10
SE MSE B 66 10.40 -10.34 -2.81
CE MSE B 66 10.15 -8.47 -2.33
N GLY B 67 4.90 -11.02 -1.70
CA GLY B 67 3.60 -10.60 -1.23
C GLY B 67 2.54 -10.61 -2.29
N TYR B 68 1.40 -10.03 -1.98
CA TYR B 68 0.28 -10.00 -2.91
C TYR B 68 -0.07 -8.56 -3.26
N TYR B 69 -0.11 -8.26 -4.54
CA TYR B 69 -0.38 -6.91 -4.96
C TYR B 69 -1.36 -6.68 -6.06
N LEU B 70 -2.13 -5.64 -5.89
CA LEU B 70 -3.05 -5.18 -6.93
C LEU B 70 -2.38 -4.05 -7.68
N GLY B 71 -2.20 -4.20 -8.98
CA GLY B 71 -1.43 -3.24 -9.74
C GLY B 71 -2.16 -2.63 -10.91
N LEU B 72 -1.63 -1.52 -11.42
CA LEU B 72 -2.19 -0.86 -12.59
C LEU B 72 -1.63 -1.51 -13.85
N GLY B 73 -2.51 -2.09 -14.66
CA GLY B 73 -2.10 -2.84 -15.84
C GLY B 73 -1.33 -2.01 -16.86
N GLY B 74 -1.66 -0.73 -16.95
CA GLY B 74 -1.00 0.16 -17.88
C GLY B 74 0.47 0.38 -17.54
N CYS B 75 0.81 0.26 -16.25
CA CYS B 75 2.16 0.49 -15.78
C CYS B 75 2.87 -0.81 -15.43
N CYS B 76 2.30 -1.90 -15.89
CA CYS B 76 2.82 -3.22 -15.68
C CYS B 76 3.63 -3.83 -16.82
N PRO B 77 4.91 -4.20 -16.38
CA PRO B 77 5.81 -4.79 -17.38
C PRO B 77 5.35 -6.17 -17.85
N THR B 78 4.85 -7.00 -16.93
CA THR B 78 4.37 -8.33 -17.27
C THR B 78 3.12 -8.22 -18.15
N CYS B 79 2.24 -7.32 -17.77
CA CYS B 79 1.05 -7.09 -18.54
C CYS B 79 1.44 -6.61 -19.90
N ALA B 80 2.44 -5.73 -19.97
CA ALA B 80 2.94 -5.22 -21.23
C ALA B 80 3.46 -6.35 -22.10
N ALA B 81 4.13 -7.32 -21.48
CA ALA B 81 4.69 -8.46 -22.19
C ALA B 81 3.60 -9.36 -22.76
N ALA B 82 2.57 -9.61 -21.96
CA ALA B 82 1.47 -10.47 -22.38
C ALA B 82 0.48 -9.72 -23.29
N GLU B 83 0.63 -8.40 -23.35
CA GLU B 83 -0.33 -7.52 -24.02
C GLU B 83 -0.56 -7.79 -25.52
N PRO B 84 0.50 -8.01 -26.34
CA PRO B 84 0.26 -8.13 -27.78
C PRO B 84 -0.67 -9.26 -28.25
N ARG B 85 -0.59 -10.41 -27.61
CA ARG B 85 -1.39 -11.57 -28.03
C ARG B 85 -2.84 -11.54 -27.59
N LEU B 86 -3.20 -10.63 -26.69
CA LEU B 86 -4.58 -10.51 -26.22
C LEU B 86 -5.38 -9.47 -26.99
N GLY B 87 -6.59 -9.85 -27.39
CA GLY B 87 -7.45 -8.96 -28.17
C GLY B 87 -8.44 -8.13 -27.36
N SER B 89 -12.59 -10.03 -27.05
CA SER B 89 -13.44 -10.83 -26.18
C SER B 89 -14.66 -11.38 -26.91
N ASP B 90 -14.98 -12.65 -26.67
CA ASP B 90 -16.13 -13.29 -27.30
C ASP B 90 -17.00 -14.09 -26.34
N ARG B 91 -17.81 -13.42 -25.56
CA ARG B 91 -18.66 -14.08 -24.55
C ARG B 91 -19.69 -15.05 -25.18
N ALA B 92 -20.33 -14.60 -26.25
CA ALA B 92 -21.25 -15.46 -26.99
C ALA B 92 -20.48 -16.68 -27.46
N ALA B 93 -19.23 -16.45 -27.83
CA ALA B 93 -18.29 -17.50 -28.18
C ALA B 93 -17.99 -18.39 -26.98
N LEU B 94 -17.98 -17.82 -25.78
CA LEU B 94 -17.78 -18.64 -24.58
C LEU B 94 -18.93 -19.62 -24.49
N VAL B 95 -20.14 -19.11 -24.69
CA VAL B 95 -21.33 -19.97 -24.66
C VAL B 95 -21.20 -21.04 -25.73
N LEU B 96 -20.82 -20.64 -26.95
CA LEU B 96 -20.65 -21.55 -28.07
C LEU B 96 -19.65 -22.66 -27.78
N ALA B 97 -18.55 -22.30 -27.12
CA ALA B 97 -17.54 -23.25 -26.69
C ALA B 97 -18.08 -24.22 -25.66
N TYR B 98 -18.92 -23.71 -24.77
CA TYR B 98 -19.52 -24.53 -23.74
C TYR B 98 -20.45 -25.58 -24.35
N VAL B 99 -21.32 -25.13 -25.25
CA VAL B 99 -22.29 -26.01 -25.89
C VAL B 99 -21.62 -27.02 -26.83
N GLN B 100 -20.66 -26.53 -27.61
CA GLN B 100 -19.98 -27.37 -28.60
C GLN B 100 -18.67 -27.95 -28.08
N GLN B 101 -18.54 -28.00 -26.75
CA GLN B 101 -17.37 -28.61 -26.12
C GLN B 101 -17.27 -30.09 -26.46
N LEU B 102 -18.40 -30.70 -26.77
CA LEU B 102 -18.51 -32.13 -27.01
C LEU B 102 -17.53 -32.63 -28.08
N ASN B 103 -17.43 -31.89 -29.18
CA ASN B 103 -16.46 -32.20 -30.21
C ASN B 103 -15.04 -31.84 -29.78
N SER B 104 -14.93 -30.74 -29.04
CA SER B 104 -13.62 -30.17 -28.69
C SER B 104 -13.20 -30.50 -27.25
N ILE B 105 -13.59 -31.68 -26.77
CA ILE B 105 -13.25 -32.13 -25.43
C ILE B 105 -11.73 -32.12 -25.23
N TYR B 106 -11.02 -32.45 -26.31
CA TYR B 106 -9.57 -32.60 -26.32
C TYR B 106 -8.83 -31.40 -25.72
N GLU B 107 -9.24 -30.21 -26.10
CA GLU B 107 -8.61 -28.98 -25.61
C GLU B 107 -8.84 -28.71 -24.13
N TYR B 108 -9.89 -29.32 -23.57
CA TYR B 108 -10.28 -29.05 -22.18
C TYR B 108 -10.12 -30.28 -21.29
N ARG B 109 -9.19 -31.16 -21.67
CA ARG B 109 -9.07 -32.47 -21.03
C ARG B 109 -8.96 -32.40 -19.51
N VAL B 110 -8.09 -31.52 -19.01
CA VAL B 110 -7.85 -31.43 -17.58
C VAL B 110 -9.14 -31.10 -16.84
N PHE B 111 -9.96 -30.25 -17.47
CA PHE B 111 -11.21 -29.81 -16.85
C PHE B 111 -12.07 -31.03 -16.56
N LEU B 112 -12.11 -31.96 -17.50
CA LEU B 112 -12.92 -33.15 -17.28
C LEU B 112 -12.17 -34.11 -16.37
N ALA B 113 -10.84 -34.15 -16.52
CA ALA B 113 -10.05 -35.11 -15.77
C ALA B 113 -10.36 -35.01 -14.29
N SER B 114 -10.44 -33.77 -13.81
CA SER B 114 -10.79 -33.47 -12.44
C SER B 114 -12.02 -34.24 -11.99
N VAL B 115 -13.16 -34.04 -12.66
CA VAL B 115 -14.37 -34.71 -12.23
C VAL B 115 -14.15 -36.21 -12.38
N ALA B 116 -13.49 -36.60 -13.48
CA ALA B 116 -13.23 -38.00 -13.75
C ALA B 116 -12.40 -38.59 -12.63
N ALA B 117 -11.57 -37.76 -12.01
CA ALA B 117 -10.77 -38.18 -10.89
C ALA B 117 -11.60 -38.34 -9.62
N ARG B 118 -12.50 -37.39 -9.38
CA ARG B 118 -13.25 -37.39 -8.12
C ARG B 118 -14.45 -38.34 -8.16
N ASP B 119 -15.21 -38.29 -9.24
CA ASP B 119 -16.43 -39.08 -9.35
C ASP B 119 -16.76 -39.34 -10.81
N PRO B 120 -16.36 -40.51 -11.33
CA PRO B 120 -16.56 -40.92 -12.72
C PRO B 120 -18.03 -41.12 -13.11
N SER B 121 -18.94 -41.00 -12.14
CA SER B 121 -20.36 -41.18 -12.39
C SER B 121 -20.88 -40.14 -13.38
N GLU B 122 -21.97 -40.49 -14.07
CA GLU B 122 -22.63 -39.57 -15.00
C GLU B 122 -23.27 -38.41 -14.25
N ARG B 123 -23.84 -38.72 -13.09
CA ARG B 123 -24.52 -37.73 -12.26
C ARG B 123 -23.59 -36.62 -11.77
N ALA B 124 -22.33 -36.98 -11.52
CA ALA B 124 -21.33 -36.02 -11.06
C ALA B 124 -20.99 -35.05 -12.19
N LEU B 125 -20.72 -35.62 -13.36
CA LEU B 125 -20.41 -34.83 -14.55
C LEU B 125 -21.58 -33.91 -14.89
N GLU B 126 -22.79 -34.43 -14.68
CA GLU B 126 -24.01 -33.67 -14.85
C GLU B 126 -24.05 -32.49 -13.87
N GLU B 127 -23.68 -32.75 -12.62
CA GLU B 127 -23.67 -31.72 -11.60
C GLU B 127 -22.66 -30.63 -11.93
N VAL B 128 -21.52 -31.02 -12.50
CA VAL B 128 -20.52 -30.08 -12.96
C VAL B 128 -21.04 -29.25 -14.13
N LEU B 129 -21.73 -29.92 -15.06
CA LEU B 129 -22.28 -29.24 -16.23
C LEU B 129 -23.45 -28.34 -15.87
N ALA B 130 -23.97 -28.49 -14.66
CA ALA B 130 -25.06 -27.65 -14.19
C ALA B 130 -24.64 -26.20 -14.04
N HIS B 131 -23.36 -25.99 -13.74
CA HIS B 131 -22.81 -24.64 -13.61
C HIS B 131 -21.77 -24.34 -14.68
N PRO B 132 -22.20 -23.76 -15.81
CA PRO B 132 -21.34 -23.46 -16.97
C PRO B 132 -20.29 -22.40 -16.69
N GLU B 133 -20.61 -21.44 -15.82
CA GLU B 133 -19.71 -20.33 -15.54
C GLU B 133 -18.37 -20.78 -14.97
N LEU B 134 -18.35 -21.96 -14.36
CA LEU B 134 -17.10 -22.56 -13.89
C LEU B 134 -16.21 -22.89 -15.10
N PHE B 135 -16.81 -23.53 -16.10
CA PHE B 135 -16.12 -23.82 -17.35
C PHE B 135 -15.69 -22.53 -18.04
N PHE B 136 -16.54 -21.50 -17.94
CA PHE B 136 -16.20 -20.19 -18.47
C PHE B 136 -14.92 -19.68 -17.82
N ALA B 137 -14.85 -19.84 -16.50
CA ALA B 137 -13.67 -19.44 -15.74
C ALA B 137 -12.43 -20.18 -16.21
N TYR B 138 -12.51 -21.51 -16.24
CA TYR B 138 -11.38 -22.33 -16.68
C TYR B 138 -10.92 -21.96 -18.08
N TYR B 139 -11.87 -21.74 -18.98
CA TYR B 139 -11.55 -21.43 -20.37
C TYR B 139 -10.89 -20.06 -20.50
N VAL B 140 -11.42 -19.08 -19.77
CA VAL B 140 -10.83 -17.73 -19.79
C VAL B 140 -9.42 -17.76 -19.24
N LEU B 141 -9.22 -18.47 -18.13
CA LEU B 141 -7.90 -18.57 -17.52
C LEU B 141 -6.90 -19.29 -18.42
N ARG B 142 -7.33 -20.38 -19.03
CA ARG B 142 -6.46 -21.14 -19.93
C ARG B 142 -6.09 -20.33 -21.17
N ASP B 143 -7.09 -19.68 -21.76
CA ASP B 143 -6.87 -18.88 -22.96
C ASP B 143 -6.05 -17.62 -22.67
N GLY B 144 -5.96 -17.26 -21.39
CA GLY B 144 -5.24 -16.08 -20.99
C GLY B 144 -3.76 -16.30 -20.74
N GLY B 145 -3.28 -17.48 -21.09
CA GLY B 145 -1.87 -17.82 -20.92
C GLY B 145 -1.58 -18.62 -19.67
N LEU B 146 -2.58 -18.74 -18.79
CA LEU B 146 -2.46 -19.57 -17.60
C LEU B 146 -2.82 -21.00 -17.96
N ARG B 147 -1.92 -21.66 -18.68
CA ARG B 147 -2.18 -22.97 -19.27
C ARG B 147 -2.23 -24.10 -18.25
N ASP B 148 -1.27 -24.13 -17.34
CA ASP B 148 -1.05 -25.29 -16.48
C ASP B 148 -1.86 -25.22 -15.19
N VAL B 149 -2.98 -24.51 -15.24
CA VAL B 149 -3.88 -24.43 -14.11
C VAL B 149 -4.59 -25.77 -13.88
N ARG B 150 -4.85 -26.12 -12.62
CA ARG B 150 -5.57 -27.34 -12.31
C ARG B 150 -6.86 -26.99 -11.57
N VAL B 151 -7.88 -27.84 -11.68
CA VAL B 151 -9.18 -27.51 -11.11
C VAL B 151 -9.75 -28.58 -10.17
N LEU B 152 -10.46 -28.12 -9.14
CA LEU B 152 -11.06 -28.99 -8.15
C LEU B 152 -12.53 -28.65 -7.93
N PHE B 153 -13.36 -29.64 -7.63
CA PHE B 153 -14.77 -29.40 -7.41
C PHE B 153 -15.23 -29.89 -6.04
N PHE B 154 -15.83 -28.99 -5.26
CA PHE B 154 -16.36 -29.35 -3.95
C PHE B 154 -17.79 -28.84 -3.82
N GLU B 155 -18.56 -29.39 -2.90
CA GLU B 155 -19.90 -28.88 -2.65
C GLU B 155 -19.83 -27.68 -1.71
N ASP B 156 -20.78 -26.75 -1.86
CA ASP B 156 -20.78 -25.54 -1.04
C ASP B 156 -21.48 -25.79 0.28
N PRO B 157 -20.75 -25.65 1.39
CA PRO B 157 -21.31 -25.85 2.74
C PRO B 157 -22.18 -24.68 3.20
N ASP B 158 -21.85 -23.47 2.75
CA ASP B 158 -22.57 -22.27 3.18
C ASP B 158 -23.71 -21.94 2.23
N ALA B 159 -23.99 -22.85 1.31
CA ALA B 159 -25.10 -22.68 0.37
C ALA B 159 -25.81 -24.00 0.15
N GLN B 160 -27.08 -23.93 -0.27
CA GLN B 160 -27.86 -25.14 -0.47
C GLN B 160 -27.81 -25.57 -1.93
N GLY B 161 -27.25 -26.77 -2.17
CA GLY B 161 -27.14 -27.32 -3.50
C GLY B 161 -26.35 -26.48 -4.48
N ALA B 162 -25.28 -25.85 -3.98
CA ALA B 162 -24.42 -25.03 -4.83
C ALA B 162 -23.05 -25.68 -4.96
N LEU B 163 -22.37 -25.40 -6.07
CA LEU B 163 -21.07 -26.02 -6.35
C LEU B 163 -19.93 -25.00 -6.30
N MSE B 164 -18.84 -25.40 -5.63
CA MSE B 164 -17.63 -24.60 -5.56
C MSE B 164 -16.53 -25.17 -6.45
O MSE B 164 -16.37 -26.39 -6.54
CB MSE B 164 -17.11 -24.51 -4.13
CG MSE B 164 -18.08 -23.93 -3.12
SE MSE B 164 -17.23 -23.79 -1.36
CE MSE B 164 -16.28 -22.12 -1.61
N MSE B 165 -15.77 -24.28 -7.07
CA MSE B 165 -14.65 -24.68 -7.91
C MSE B 165 -13.35 -24.02 -7.46
O MSE B 165 -13.26 -22.79 -7.38
CB MSE B 165 -14.92 -24.34 -9.37
CG MSE B 165 -13.92 -24.92 -10.36
SE MSE B 165 -13.99 -24.01 -12.08
CE MSE B 165 -13.22 -25.40 -13.19
N TYR B 166 -12.35 -24.83 -7.14
CA TYR B 166 -11.03 -24.33 -6.81
C TYR B 166 -10.14 -24.29 -8.05
N VAL B 167 -9.42 -23.18 -8.21
CA VAL B 167 -8.47 -23.02 -9.30
C VAL B 167 -7.04 -22.94 -8.75
N VAL B 168 -6.31 -24.05 -8.86
CA VAL B 168 -4.98 -24.15 -8.28
C VAL B 168 -3.89 -23.89 -9.32
N PHE B 169 -2.98 -22.98 -8.97
CA PHE B 169 -1.88 -22.61 -9.85
C PHE B 169 -0.64 -23.46 -9.60
N PRO B 170 0.10 -23.79 -10.66
CA PRO B 170 1.25 -24.69 -10.58
C PRO B 170 2.51 -24.07 -9.95
N GLU B 171 2.81 -22.82 -10.28
CA GLU B 171 4.07 -22.21 -9.85
C GLU B 171 3.95 -21.40 -8.57
N LYS B 172 5.10 -21.05 -8.00
CA LYS B 172 5.15 -20.28 -6.76
C LYS B 172 5.02 -18.79 -7.02
N SER B 173 4.91 -18.42 -8.29
CA SER B 173 4.67 -17.04 -8.67
C SER B 173 3.56 -16.95 -9.70
N VAL B 174 2.53 -16.15 -9.39
CA VAL B 174 1.35 -16.08 -10.23
C VAL B 174 1.02 -14.64 -10.61
N HIS B 175 0.68 -14.45 -11.86
CA HIS B 175 0.30 -13.18 -12.36
C HIS B 175 -0.96 -13.22 -13.20
N VAL B 176 -1.98 -12.50 -12.79
CA VAL B 176 -3.21 -12.45 -13.56
C VAL B 176 -3.34 -11.10 -14.25
N HIS B 177 -3.27 -11.16 -15.58
CA HIS B 177 -3.37 -10.01 -16.47
C HIS B 177 -4.70 -9.28 -16.27
N HIS B 178 -4.70 -7.96 -16.47
CA HIS B 178 -5.92 -7.17 -16.25
C HIS B 178 -7.00 -7.50 -17.27
N ARG B 179 -6.58 -7.83 -18.49
CA ARG B 179 -7.50 -8.25 -19.53
C ARG B 179 -8.16 -9.57 -19.14
N VAL B 180 -7.33 -10.50 -18.68
CA VAL B 180 -7.79 -11.83 -18.26
C VAL B 180 -8.68 -11.72 -17.03
N LEU B 181 -8.30 -10.85 -16.11
CA LEU B 181 -9.07 -10.63 -14.88
C LEU B 181 -10.44 -10.03 -15.21
N ASP B 182 -10.45 -9.06 -16.11
CA ASP B 182 -11.68 -8.39 -16.50
C ASP B 182 -12.61 -9.35 -17.23
N ARG B 183 -12.04 -10.13 -18.13
CA ARG B 183 -12.80 -11.16 -18.84
C ARG B 183 -13.38 -12.17 -17.86
N LEU B 184 -12.58 -12.54 -16.87
CA LEU B 184 -12.97 -13.51 -15.85
C LEU B 184 -14.15 -13.02 -15.01
N LEU B 185 -14.04 -11.79 -14.52
CA LEU B 185 -15.12 -11.21 -13.71
C LEU B 185 -16.37 -10.97 -14.55
N GLY B 186 -16.18 -10.61 -15.81
CA GLY B 186 -17.29 -10.39 -16.71
C GLY B 186 -18.06 -11.66 -17.04
N ALA B 187 -17.31 -12.76 -17.22
CA ALA B 187 -17.91 -14.03 -17.60
C ALA B 187 -18.66 -14.70 -16.45
N CYS B 188 -18.08 -14.62 -15.26
CA CYS B 188 -18.65 -15.27 -14.09
C CYS B 188 -19.46 -14.28 -13.25
N ALA B 189 -20.42 -13.63 -13.90
CA ALA B 189 -21.25 -12.62 -13.25
C ALA B 189 -22.08 -13.22 -12.12
N GLY B 190 -22.38 -14.51 -12.24
CA GLY B 190 -23.18 -15.21 -11.24
C GLY B 190 -22.38 -15.70 -10.05
N HIS B 191 -21.05 -15.69 -10.17
CA HIS B 191 -20.18 -16.21 -9.12
C HIS B 191 -19.27 -15.14 -8.53
N ARG B 192 -18.72 -15.46 -7.36
CA ARG B 192 -17.70 -14.64 -6.72
C ARG B 192 -16.38 -15.39 -6.72
N ILE B 193 -15.29 -14.66 -6.94
CA ILE B 193 -13.96 -15.24 -7.02
C ILE B 193 -13.01 -14.61 -5.99
N VAL B 194 -12.49 -15.43 -5.09
CA VAL B 194 -11.64 -14.92 -4.02
C VAL B 194 -10.26 -15.58 -4.03
N ALA B 195 -9.21 -14.77 -3.93
CA ALA B 195 -7.84 -15.29 -3.93
C ALA B 195 -7.46 -15.83 -2.55
N HIS B 196 -6.84 -17.00 -2.52
CA HIS B 196 -6.42 -17.58 -1.27
C HIS B 196 -5.09 -18.24 -1.40
N VAL B 197 -4.54 -18.64 -0.27
CA VAL B 197 -3.33 -19.45 -0.22
C VAL B 197 -3.55 -20.61 0.76
N TRP B 198 -3.19 -21.81 0.32
CA TRP B 198 -3.38 -23.01 1.12
C TRP B 198 -2.21 -23.97 0.94
N GLN B 199 -1.46 -24.19 2.01
CA GLN B 199 -0.29 -25.07 1.99
C GLN B 199 0.66 -24.66 0.87
N THR B 200 0.98 -23.37 0.84
CA THR B 200 1.90 -22.76 -0.13
C THR B 200 1.37 -22.79 -1.56
N MSE B 201 0.09 -23.11 -1.72
CA MSE B 201 -0.51 -23.15 -3.05
C MSE B 201 -1.52 -22.02 -3.25
O MSE B 201 -2.49 -21.89 -2.49
CB MSE B 201 -1.18 -24.50 -3.29
CG MSE B 201 -0.21 -25.64 -3.56
SE MSE B 201 -1.09 -27.35 -3.81
CE MSE B 201 -1.74 -27.64 -1.99
N PHE B 202 -1.30 -21.21 -4.27
CA PHE B 202 -2.21 -20.12 -4.59
C PHE B 202 -3.43 -20.67 -5.31
N VAL B 203 -4.62 -20.30 -4.84
CA VAL B 203 -5.85 -20.84 -5.41
C VAL B 203 -6.96 -19.79 -5.50
N LEU B 204 -7.65 -19.77 -6.65
CA LEU B 204 -8.80 -18.89 -6.81
C LEU B 204 -10.09 -19.67 -6.53
N VAL B 205 -10.84 -19.22 -5.53
CA VAL B 205 -12.07 -19.89 -5.15
C VAL B 205 -13.28 -19.26 -5.83
N VAL B 206 -13.95 -20.06 -6.66
CA VAL B 206 -15.15 -19.61 -7.37
C VAL B 206 -16.40 -20.24 -6.78
N ARG B 207 -17.30 -19.43 -6.24
CA ARG B 207 -18.52 -19.95 -5.63
C ARG B 207 -19.74 -19.10 -6.00
N LYS B 208 -20.90 -19.74 -6.09
CA LYS B 208 -22.12 -19.05 -6.54
C LYS B 208 -22.63 -18.02 -5.52
N LYS B 209 -23.11 -16.88 -6.02
CA LYS B 209 -23.57 -15.77 -5.19
C LYS B 209 -24.97 -15.21 -5.47
N GLY B 210 -25.69 -14.89 -4.40
CA GLY B 210 -26.95 -14.15 -4.48
C GLY B 210 -28.19 -14.70 -5.14
N ASP B 211 -28.90 -13.83 -5.85
CA ASP B 211 -30.20 -14.14 -6.45
C ASP B 211 -30.11 -14.74 -7.84
N GLY B 212 -31.09 -15.57 -8.17
CA GLY B 212 -31.18 -16.12 -9.50
C GLY B 212 -30.18 -17.22 -9.76
N ARG B 213 -30.54 -18.10 -10.69
CA ARG B 213 -29.64 -19.16 -11.12
C ARG B 213 -29.29 -18.86 -12.58
N PRO B 214 -28.03 -18.49 -12.83
CA PRO B 214 -27.51 -18.14 -14.16
C PRO B 214 -27.61 -19.29 -15.15
N ALA B 215 -27.55 -20.51 -14.65
CA ALA B 215 -27.60 -21.71 -15.50
C ALA B 215 -28.91 -21.84 -16.28
N ASP B 216 -29.95 -21.16 -15.82
CA ASP B 216 -31.23 -21.18 -16.54
C ASP B 216 -31.15 -20.36 -17.82
N ASP B 217 -30.14 -19.49 -17.91
CA ASP B 217 -30.02 -18.58 -19.03
C ASP B 217 -28.95 -19.01 -20.02
N VAL B 218 -28.73 -20.32 -20.09
CA VAL B 218 -27.82 -20.93 -21.05
C VAL B 218 -28.44 -22.26 -21.48
N PRO B 219 -28.43 -22.54 -22.78
CA PRO B 219 -29.05 -23.79 -23.27
C PRO B 219 -28.45 -25.04 -22.65
N ALA B 220 -29.28 -26.03 -22.40
CA ALA B 220 -28.83 -27.30 -21.83
C ALA B 220 -27.88 -28.00 -22.78
N VAL B 221 -27.08 -28.92 -22.24
CA VAL B 221 -26.11 -29.66 -23.03
C VAL B 221 -26.19 -31.15 -22.75
N SER B 222 -25.81 -31.95 -23.73
CA SER B 222 -25.84 -33.40 -23.60
C SER B 222 -24.84 -33.89 -22.57
N ALA B 223 -25.31 -34.68 -21.62
CA ALA B 223 -24.46 -35.19 -20.55
C ALA B 223 -23.98 -36.60 -20.88
N SER B 224 -24.91 -37.46 -21.28
CA SER B 224 -24.59 -38.84 -21.58
C SER B 224 -23.71 -38.96 -22.83
N ASP B 225 -23.83 -37.97 -23.72
CA ASP B 225 -23.02 -37.96 -24.94
C ASP B 225 -21.56 -37.61 -24.63
N ILE B 226 -21.35 -36.70 -23.69
CA ILE B 226 -20.00 -36.31 -23.28
C ILE B 226 -19.35 -37.46 -22.53
N TYR B 227 -20.15 -38.19 -21.76
CA TYR B 227 -19.69 -39.39 -21.08
C TYR B 227 -19.28 -40.43 -22.13
N CYS B 228 -20.14 -40.65 -23.11
CA CYS B 228 -19.89 -41.60 -24.18
C CYS B 228 -18.59 -41.29 -24.92
N LYS B 229 -18.40 -40.01 -25.23
CA LYS B 229 -17.16 -39.54 -25.84
C LYS B 229 -15.97 -39.78 -24.91
N MET B 230 -16.19 -39.59 -23.61
CA MET B 230 -15.14 -39.68 -22.62
C MET B 230 -14.65 -41.11 -22.48
N ARG B 231 -15.56 -42.06 -22.68
CA ARG B 231 -15.24 -43.48 -22.61
C ARG B 231 -14.12 -43.87 -23.57
N ASP B 232 -14.08 -43.23 -24.74
CA ASP B 232 -13.00 -43.47 -25.69
C ASP B 232 -11.68 -42.83 -25.25
N ILE B 233 -11.77 -41.63 -24.69
CA ILE B 233 -10.59 -40.81 -24.37
C ILE B 233 -9.57 -41.46 -23.43
N SER B 234 -8.29 -41.27 -23.72
CA SER B 234 -7.21 -41.78 -22.89
C SER B 234 -6.56 -40.65 -22.09
N PHE B 235 -6.85 -40.59 -20.80
CA PHE B 235 -6.27 -39.58 -19.93
C PHE B 235 -4.80 -39.87 -19.67
N ASP B 236 -4.08 -38.87 -19.18
CA ASP B 236 -2.66 -39.01 -18.92
C ASP B 236 -2.38 -40.07 -17.86
N GLY B 237 -3.22 -40.12 -16.84
CA GLY B 237 -3.09 -41.10 -15.77
C GLY B 237 -2.22 -40.59 -14.63
N GLU B 238 -1.27 -39.73 -14.95
CA GLU B 238 -0.47 -39.06 -13.94
C GLU B 238 -1.20 -37.80 -13.48
N LEU B 239 -1.94 -37.22 -14.42
CA LEU B 239 -2.78 -36.07 -14.14
C LEU B 239 -3.92 -36.45 -13.20
N LEU B 240 -4.42 -37.67 -13.37
CA LEU B 240 -5.52 -38.17 -12.54
C LEU B 240 -5.08 -38.43 -11.10
N LEU B 241 -3.91 -39.04 -10.93
CA LEU B 241 -3.35 -39.24 -9.60
C LEU B 241 -2.97 -37.92 -8.96
N GLU B 242 -2.43 -37.01 -9.77
CA GLU B 242 -2.15 -35.65 -9.35
C GLU B 242 -3.42 -35.03 -8.78
N TYR B 243 -4.53 -35.24 -9.48
CA TYR B 243 -5.82 -34.74 -9.04
C TYR B 243 -6.27 -35.44 -7.77
N LYS B 244 -5.90 -36.71 -7.61
CA LYS B 244 -6.22 -37.44 -6.39
C LYS B 244 -5.55 -36.78 -5.19
N ARG B 245 -4.23 -36.57 -5.27
N ARG B 245 -4.24 -36.59 -5.30
CA ARG B 245 -3.52 -35.94 -4.16
CA ARG B 245 -3.44 -35.93 -4.26
C ARG B 245 -3.97 -34.50 -3.95
C ARG B 245 -3.94 -34.52 -3.98
N LEU B 246 -4.32 -33.81 -5.04
CA LEU B 246 -4.79 -32.43 -4.93
C LEU B 246 -6.12 -32.36 -4.20
N TYR B 247 -7.01 -33.31 -4.48
CA TYR B 247 -8.29 -33.39 -3.79
C TYR B 247 -8.08 -33.76 -2.33
N ALA B 248 -7.10 -34.64 -2.08
CA ALA B 248 -6.76 -35.04 -0.72
C ALA B 248 -6.24 -33.85 0.10
N ALA B 249 -5.42 -33.02 -0.54
CA ALA B 249 -4.78 -31.89 0.15
C ALA B 249 -5.76 -30.78 0.46
N PHE B 250 -6.74 -30.57 -0.42
CA PHE B 250 -7.70 -29.48 -0.24
C PHE B 250 -8.96 -29.96 0.46
N GLU B 251 -8.91 -31.17 1.01
CA GLU B 251 -10.07 -31.75 1.68
C GLU B 251 -10.40 -30.98 2.96
N ASP B 252 -9.37 -30.64 3.73
CA ASP B 252 -9.55 -29.94 4.99
C ASP B 252 -9.60 -28.43 4.80
N PHE B 253 -9.37 -27.99 3.56
CA PHE B 253 -9.44 -26.56 3.24
C PHE B 253 -10.86 -26.04 3.43
N ARG B 254 -10.98 -25.00 4.25
CA ARG B 254 -12.29 -24.44 4.57
C ARG B 254 -12.32 -22.93 4.36
N PRO B 255 -12.87 -22.49 3.22
CA PRO B 255 -13.02 -21.07 2.91
C PRO B 255 -14.05 -20.40 3.82
N PRO B 256 -13.89 -19.10 4.09
CA PRO B 256 -14.77 -18.34 4.99
C PRO B 256 -16.18 -18.13 4.43
N ARG B 257 -17.07 -17.61 5.27
CA ARG B 257 -18.43 -17.28 4.85
C ARG B 257 -18.45 -16.18 3.78
N PRO B 258 -19.48 -16.20 2.93
CA PRO B 258 -19.65 -15.19 1.87
C PRO B 258 -19.85 -13.78 2.42
N GLY C 8 1.57 -12.15 39.71
CA GLY C 8 0.26 -12.35 39.14
C GLY C 8 0.25 -13.36 38.02
N THR C 9 -0.91 -13.95 37.76
CA THR C 9 -1.06 -14.95 36.71
C THR C 9 -0.88 -14.33 35.33
N LEU C 10 -1.45 -13.14 35.16
CA LEU C 10 -1.36 -12.41 33.90
C LEU C 10 0.09 -12.11 33.55
N VAL C 11 0.86 -11.75 34.58
CA VAL C 11 2.28 -11.48 34.43
C VAL C 11 3.04 -12.73 34.00
N GLN C 12 2.67 -13.87 34.60
CA GLN C 12 3.29 -15.15 34.26
C GLN C 12 3.02 -15.51 32.80
N ARG C 13 1.76 -15.38 32.40
CA ARG C 13 1.36 -15.60 31.02
C ARG C 13 2.16 -14.70 30.08
N LEU C 14 2.30 -13.44 30.47
CA LEU C 14 3.00 -12.46 29.65
C LEU C 14 4.49 -12.77 29.50
N LYS C 15 5.12 -13.21 30.58
CA LYS C 15 6.54 -13.60 30.52
C LYS C 15 6.69 -14.81 29.61
N LEU C 16 5.74 -15.73 29.74
CA LEU C 16 5.72 -16.93 28.90
C LEU C 16 5.62 -16.56 27.42
N ILE C 17 4.80 -15.55 27.14
CA ILE C 17 4.63 -15.05 25.78
C ILE C 17 5.88 -14.32 25.27
N LEU C 18 6.53 -13.54 26.11
CA LEU C 18 7.69 -12.80 25.69
C LEU C 18 8.96 -13.56 25.86
N SER C 19 8.84 -14.83 26.18
CA SER C 19 9.97 -15.71 26.40
C SER C 19 10.82 -15.93 25.18
N GLY C 20 10.19 -16.06 24.03
CA GLY C 20 10.88 -16.29 22.79
C GLY C 20 11.75 -15.11 22.47
N GLY C 21 11.37 -13.98 23.03
CA GLY C 21 12.09 -12.77 22.82
C GLY C 21 13.00 -12.40 23.95
N ASN C 22 13.29 -11.12 23.97
CA ASN C 22 14.23 -10.49 24.87
C ASN C 22 13.62 -9.33 25.63
N LEU C 23 12.32 -9.13 25.46
CA LEU C 23 11.61 -8.10 26.22
C LEU C 23 11.50 -8.56 27.67
N ARG C 24 11.54 -7.61 28.61
CA ARG C 24 11.52 -7.97 30.02
C ARG C 24 10.24 -7.53 30.71
N CYS C 25 9.54 -8.50 31.29
CA CYS C 25 8.31 -8.25 32.02
C CYS C 25 8.63 -8.01 33.48
N SER C 26 7.86 -7.12 34.11
CA SER C 26 8.08 -6.73 35.50
C SER C 26 7.47 -7.71 36.50
N ASP C 27 8.18 -7.95 37.60
CA ASP C 27 7.72 -8.85 38.65
C ASP C 27 6.38 -8.42 39.24
N GLY C 28 5.98 -7.19 38.95
CA GLY C 28 4.69 -6.68 39.37
C GLY C 28 3.54 -7.41 38.68
N CYS C 32 -5.60 -8.72 39.67
CA CYS C 32 -6.70 -7.92 39.15
C CYS C 32 -7.88 -8.80 38.73
N ASP C 33 -8.81 -8.88 39.69
CA ASP C 33 -10.08 -9.60 39.67
C ASP C 33 -10.96 -9.29 38.48
N PRO C 34 -11.50 -10.41 37.89
CA PRO C 34 -12.35 -10.14 36.74
C PRO C 34 -13.56 -9.29 36.97
N GLU C 35 -14.25 -9.42 38.09
CA GLU C 35 -15.45 -8.63 38.26
C GLU C 35 -15.27 -7.12 38.27
N ARG C 36 -14.23 -6.64 38.93
CA ARG C 36 -13.96 -5.21 38.92
C ARG C 36 -12.50 -5.15 38.55
N PRO C 37 -12.27 -4.80 37.21
CA PRO C 37 -10.85 -4.85 36.88
C PRO C 37 -10.19 -3.48 37.08
N PRO C 38 -8.92 -3.46 37.50
CA PRO C 38 -8.23 -2.22 37.86
C PRO C 38 -8.11 -1.25 36.70
N THR C 39 -8.23 0.05 37.00
CA THR C 39 -8.05 1.09 35.99
C THR C 39 -6.58 1.46 35.90
N ARG C 40 -5.83 1.15 36.96
CA ARG C 40 -4.40 1.41 37.00
C ARG C 40 -3.65 0.47 36.05
N CYS C 41 -2.36 0.75 35.86
CA CYS C 41 -1.50 -0.10 35.03
C CYS C 41 -1.37 -1.50 35.64
N VAL C 42 -1.47 -2.52 34.79
CA VAL C 42 -1.47 -3.90 35.27
C VAL C 42 -0.18 -4.65 34.94
N PHE C 43 0.61 -4.14 34.01
CA PHE C 43 1.92 -4.72 33.72
C PHE C 43 2.86 -3.75 33.02
N GLN C 44 4.16 -3.98 33.22
CA GLN C 44 5.21 -3.19 32.59
C GLN C 44 6.24 -4.08 31.90
N VAL C 45 6.54 -3.75 30.64
CA VAL C 45 7.52 -4.48 29.85
C VAL C 45 8.65 -3.55 29.43
N HIS C 46 9.89 -4.03 29.51
CA HIS C 46 11.05 -3.19 29.22
C HIS C 46 11.89 -3.73 28.07
N GLY C 47 12.36 -2.82 27.21
CA GLY C 47 13.24 -3.17 26.11
C GLY C 47 14.45 -2.25 26.08
N GLN C 48 15.62 -2.84 26.17
CA GLN C 48 16.88 -2.12 26.22
C GLN C 48 17.32 -1.44 24.95
N ASP C 49 18.27 -0.53 25.10
CA ASP C 49 18.80 0.21 24.00
C ASP C 49 19.52 -0.66 23.01
N GLY C 50 19.34 -0.39 21.73
CA GLY C 50 19.99 -1.17 20.71
C GLY C 50 19.23 -2.43 20.41
N SER C 51 18.15 -2.62 21.13
CA SER C 51 17.30 -3.79 20.96
C SER C 51 16.39 -3.78 19.73
N ASN C 52 16.08 -4.95 19.22
CA ASN C 52 15.18 -5.13 18.12
C ASN C 52 14.27 -6.09 18.80
N ASP C 53 12.97 -5.93 18.72
CA ASP C 53 12.08 -6.86 19.39
C ASP C 53 10.65 -6.64 19.00
N THR C 54 9.85 -7.68 19.06
CA THR C 54 8.46 -7.55 18.67
C THR C 54 7.52 -7.79 19.84
N PHE C 55 6.46 -7.00 19.92
CA PHE C 55 5.47 -7.14 20.99
C PHE C 55 4.11 -7.56 20.43
N PRO C 56 3.64 -8.76 20.80
CA PRO C 56 2.34 -9.28 20.34
C PRO C 56 1.18 -8.48 20.93
N LEU C 57 0.98 -7.26 20.43
CA LEU C 57 0.02 -6.32 21.00
C LEU C 57 -1.42 -6.82 20.97
N GLU C 58 -1.90 -7.19 19.80
CA GLU C 58 -3.28 -7.62 19.62
C GLU C 58 -3.61 -8.85 20.46
N TYR C 59 -2.67 -9.79 20.50
CA TYR C 59 -2.84 -11.01 21.28
C TYR C 59 -3.03 -10.67 22.75
N VAL C 60 -2.22 -9.75 23.25
CA VAL C 60 -2.30 -9.32 24.64
C VAL C 60 -3.61 -8.60 24.91
N LEU C 61 -4.04 -7.74 23.99
CA LEU C 61 -5.30 -7.01 24.15
C LEU C 61 -6.49 -7.96 24.25
N ARG C 62 -6.61 -8.89 23.31
CA ARG C 62 -7.72 -9.83 23.35
C ARG C 62 -7.63 -10.79 24.53
N LEU C 63 -6.41 -11.14 24.93
CA LEU C 63 -6.22 -11.98 26.11
C LEU C 63 -6.73 -11.24 27.35
N MSE C 64 -6.51 -9.93 27.37
CA MSE C 64 -6.89 -9.11 28.51
C MSE C 64 -8.39 -8.85 28.57
O MSE C 64 -8.96 -8.79 29.65
CB MSE C 64 -6.12 -7.79 28.50
CG MSE C 64 -4.66 -7.91 28.87
SE MSE C 64 -3.89 -6.19 29.38
CE MSE C 64 -4.59 -5.11 27.91
N ARG C 65 -9.02 -8.68 27.41
CA ARG C 65 -10.47 -8.49 27.46
C ARG C 65 -11.13 -9.82 27.79
N SER C 66 -10.51 -10.92 27.33
CA SER C 66 -10.98 -12.26 27.68
C SER C 66 -10.85 -12.48 29.19
N TRP C 67 -9.80 -11.91 29.78
CA TRP C 67 -9.53 -12.10 31.20
C TRP C 67 -10.64 -11.54 32.09
N ALA C 68 -11.10 -10.33 31.76
CA ALA C 68 -12.17 -9.70 32.53
C ALA C 68 -13.54 -10.19 32.04
N HIS C 69 -14.47 -10.32 32.96
CA HIS C 69 -15.78 -10.77 32.63
C HIS C 69 -16.70 -9.60 32.51
N VAL C 70 -16.15 -8.44 32.19
CA VAL C 70 -16.97 -7.27 32.02
C VAL C 70 -16.55 -6.44 30.83
N PRO C 71 -17.62 -5.82 30.17
CA PRO C 71 -17.23 -5.04 29.00
C PRO C 71 -16.12 -4.03 29.31
N CYS C 72 -15.09 -4.02 28.46
CA CYS C 72 -13.97 -3.12 28.64
C CYS C 72 -13.24 -2.90 27.32
N ASP C 73 -12.43 -1.85 27.27
CA ASP C 73 -11.63 -1.56 26.09
C ASP C 73 -10.16 -1.54 26.44
N PRO C 74 -9.52 -2.72 26.40
CA PRO C 74 -8.10 -2.90 26.74
C PRO C 74 -7.17 -2.00 25.93
N TYR C 75 -6.17 -1.43 26.59
CA TYR C 75 -5.29 -0.45 25.98
C TYR C 75 -3.85 -0.62 26.46
N VAL C 76 -2.89 -0.41 25.55
CA VAL C 76 -1.48 -0.50 25.90
C VAL C 76 -0.73 0.76 25.48
N ARG C 77 0.10 1.30 26.38
CA ARG C 77 0.89 2.49 26.08
C ARG C 77 2.35 2.16 25.86
N VAL C 78 2.95 2.77 24.83
CA VAL C 78 4.37 2.60 24.54
C VAL C 78 5.11 3.92 24.77
N GLN C 79 6.11 3.91 25.64
CA GLN C 79 6.83 5.12 26.01
C GLN C 79 8.35 5.01 25.80
N ASN C 80 8.96 6.14 25.45
CA ASN C 80 10.41 6.26 25.41
C ASN C 80 10.91 6.82 26.73
N THR C 81 11.30 5.93 27.64
CA THR C 81 11.71 6.33 28.99
C THR C 81 12.91 7.27 29.01
N GLY C 82 13.74 7.18 28.00
CA GLY C 82 14.90 8.02 27.96
C GLY C 82 16.15 7.18 27.89
N VAL C 83 15.99 5.88 28.11
CA VAL C 83 17.09 4.95 28.05
C VAL C 83 16.60 3.64 27.47
N SER C 84 15.31 3.41 27.54
CA SER C 84 14.71 2.18 27.06
C SER C 84 13.28 2.41 26.58
N VAL C 85 12.64 1.34 26.11
CA VAL C 85 11.23 1.40 25.73
C VAL C 85 10.38 0.68 26.76
N LEU C 86 9.24 1.28 27.08
CA LEU C 86 8.34 0.74 28.11
C LEU C 86 6.94 0.47 27.56
N PHE C 87 6.41 -0.70 27.91
CA PHE C 87 5.03 -1.05 27.57
C PHE C 87 4.20 -1.13 28.84
N GLN C 88 3.11 -0.37 28.90
CA GLN C 88 2.26 -0.38 30.08
C GLN C 88 0.86 -0.88 29.72
N GLY C 89 0.33 -1.78 30.54
CA GLY C 89 -0.94 -2.41 30.26
C GLY C 89 -2.11 -1.90 31.06
N PHE C 90 -3.23 -1.67 30.38
CA PHE C 90 -4.45 -1.17 31.01
C PHE C 90 -5.67 -1.92 30.49
N PHE C 91 -6.65 -2.15 31.37
CA PHE C 91 -7.93 -2.72 30.94
C PHE C 91 -8.82 -1.63 30.35
N PHE C 92 -8.56 -0.39 30.73
CA PHE C 92 -9.26 0.75 30.19
C PHE C 92 -8.26 1.82 29.81
N ARG C 93 -8.47 2.49 28.67
CA ARG C 93 -7.55 3.54 28.25
C ARG C 93 -7.76 4.78 29.12
N PRO C 94 -6.70 5.22 29.80
CA PRO C 94 -6.77 6.43 30.62
C PRO C 94 -7.13 7.64 29.76
N ALA C 95 -7.75 8.65 30.36
CA ALA C 95 -8.16 9.84 29.61
C ALA C 95 -6.96 10.61 29.07
N ASP C 96 -5.87 10.63 29.82
CA ASP C 96 -4.65 11.31 29.41
C ASP C 96 -3.91 10.55 28.32
N ALA C 97 -4.20 9.25 28.19
CA ALA C 97 -3.40 8.36 27.35
C ALA C 97 -3.61 8.62 25.86
N PRO C 98 -2.49 8.71 25.12
CA PRO C 98 -2.51 8.97 23.68
C PRO C 98 -2.90 7.75 22.86
N LEU C 99 -3.25 7.98 21.60
CA LEU C 99 -3.55 6.89 20.67
C LEU C 99 -2.69 7.04 19.43
N ALA C 100 -2.35 5.93 18.79
CA ALA C 100 -1.51 5.97 17.61
C ALA C 100 -2.32 6.38 16.38
N ALA C 101 -1.92 7.50 15.77
CA ALA C 101 -2.58 7.97 14.56
C ALA C 101 -2.01 7.26 13.35
N ILE C 102 -2.44 6.01 13.17
CA ILE C 102 -1.90 5.17 12.10
C ILE C 102 -3.00 4.48 11.31
N THR C 103 -2.61 3.95 10.15
CA THR C 103 -3.50 3.14 9.33
C THR C 103 -2.79 1.84 8.95
N ALA C 104 -3.47 0.97 8.23
CA ALA C 104 -2.83 -0.25 7.81
C ALA C 104 -1.90 0.06 6.64
N GLU C 105 -1.96 1.26 6.13
CA GLU C 105 -1.11 1.65 5.06
C GLU C 105 0.15 2.17 5.70
N HIS C 106 -0.03 3.16 6.54
CA HIS C 106 1.04 3.80 7.25
C HIS C 106 1.02 3.42 8.70
N ASN C 107 1.89 2.52 9.08
CA ASN C 107 1.98 2.03 10.43
C ASN C 107 3.26 2.27 11.19
N ASN C 108 3.94 3.35 10.85
CA ASN C 108 5.21 3.69 11.49
C ASN C 108 5.07 4.84 12.48
N VAL C 109 5.59 4.67 13.69
CA VAL C 109 5.56 5.72 14.70
C VAL C 109 6.94 5.94 15.29
N ILE C 110 7.42 7.17 15.27
CA ILE C 110 8.74 7.50 15.82
C ILE C 110 8.60 8.26 17.14
N LEU C 111 9.18 7.72 18.20
CA LEU C 111 9.08 8.31 19.53
C LEU C 111 10.37 9.00 19.99
N ALA C 112 10.28 10.28 20.31
CA ALA C 112 11.39 10.98 20.95
C ALA C 112 11.35 10.72 22.45
N SER C 113 12.36 11.20 23.16
CA SER C 113 12.48 10.96 24.59
C SER C 113 11.28 11.48 25.39
N THR C 114 10.82 10.66 26.34
CA THR C 114 9.70 10.96 27.26
C THR C 114 8.34 10.99 26.57
N HIS C 115 8.32 10.79 25.25
CA HIS C 115 7.07 10.82 24.50
C HIS C 115 6.40 9.45 24.44
N SER C 116 5.09 9.44 24.26
CA SER C 116 4.33 8.20 24.29
C SER C 116 3.38 8.04 23.11
N THR C 117 2.97 6.80 22.86
CA THR C 117 1.89 6.49 21.94
C THR C 117 1.07 5.39 22.59
N GLY C 118 -0.02 4.96 21.95
CA GLY C 118 -0.86 3.95 22.53
C GLY C 118 -1.82 3.27 21.57
N MSE C 119 -2.38 2.15 21.99
CA MSE C 119 -3.34 1.43 21.16
C MSE C 119 -4.41 0.72 21.98
O MSE C 119 -4.10 -0.01 22.94
CB MSE C 119 -2.61 0.42 20.27
CG MSE C 119 -3.53 -0.33 19.30
SE MSE C 119 -3.98 0.66 17.67
CE MSE C 119 -5.36 1.85 18.37
N SER C 120 -5.66 0.93 21.61
CA SER C 120 -6.80 0.26 22.23
C SER C 120 -7.35 -0.80 21.29
N LEU C 121 -8.02 -1.81 21.85
CA LEU C 121 -8.52 -2.93 21.06
C LEU C 121 -9.61 -2.52 20.07
N SER C 122 -10.46 -1.59 20.47
CA SER C 122 -11.55 -1.12 19.61
C SER C 122 -11.02 -0.44 18.35
N ALA C 123 -10.14 0.55 18.54
CA ALA C 123 -9.57 1.27 17.41
C ALA C 123 -8.66 0.36 16.59
N LEU C 124 -8.09 -0.65 17.23
CA LEU C 124 -7.32 -1.66 16.53
C LEU C 124 -8.24 -2.41 15.59
N ASP C 125 -9.44 -2.71 16.06
CA ASP C 125 -10.45 -3.39 15.25
C ASP C 125 -10.90 -2.49 14.10
N ASP C 126 -11.01 -1.19 14.36
CA ASP C 126 -11.38 -0.23 13.33
C ASP C 126 -10.33 -0.19 12.23
N ILE C 127 -9.06 -0.14 12.62
CA ILE C 127 -7.96 -0.15 11.67
C ILE C 127 -7.94 -1.45 10.87
N LYS C 128 -8.18 -2.56 11.57
CA LYS C 128 -8.20 -3.88 10.97
C LYS C 128 -9.28 -4.01 9.90
N ARG C 129 -10.49 -3.57 10.24
CA ARG C 129 -11.60 -3.63 9.29
C ARG C 129 -11.39 -2.68 8.12
N ALA C 130 -10.86 -1.50 8.39
CA ALA C 130 -10.62 -0.56 7.34
C ALA C 130 -9.64 -1.12 6.37
N GLY C 131 -8.60 -1.73 6.88
CA GLY C 131 -7.54 -2.25 6.04
C GLY C 131 -7.96 -3.41 5.14
N GLY C 132 -9.08 -4.04 5.50
CA GLY C 132 -9.53 -5.22 4.77
C GLY C 132 -8.82 -6.47 5.27
N VAL C 133 -8.27 -6.35 6.48
CA VAL C 133 -7.51 -7.43 7.10
C VAL C 133 -8.43 -8.55 7.57
N ASP C 134 -7.97 -9.80 7.42
CA ASP C 134 -8.74 -10.97 7.86
C ASP C 134 -9.01 -10.91 9.35
N THR C 135 -10.29 -10.98 9.72
CA THR C 135 -10.70 -10.84 11.11
C THR C 135 -10.90 -12.18 11.80
N ARG C 136 -10.64 -13.26 11.06
CA ARG C 136 -10.70 -14.61 11.60
C ARG C 136 -9.59 -14.80 12.64
N PRO C 137 -9.89 -15.55 13.72
CA PRO C 137 -9.01 -15.68 14.88
C PRO C 137 -7.59 -16.16 14.56
N LEU C 138 -6.61 -15.42 15.06
CA LEU C 138 -5.19 -15.77 14.98
C LEU C 138 -4.68 -15.89 13.55
N ARG C 139 -5.39 -15.27 12.61
CA ARG C 139 -5.00 -15.31 11.20
C ARG C 139 -4.18 -14.09 10.82
N ALA C 140 -4.43 -12.98 11.52
CA ALA C 140 -3.71 -11.74 11.28
C ALA C 140 -3.71 -10.87 12.54
N MSE C 141 -2.59 -10.90 13.25
CA MSE C 141 -2.51 -10.22 14.55
C MSE C 141 -1.58 -9.01 14.51
O MSE C 141 -0.43 -9.13 14.14
CB MSE C 141 -2.03 -11.20 15.62
CG MSE C 141 -2.83 -12.50 15.65
SE MSE C 141 -4.68 -12.20 16.17
CE MSE C 141 -4.40 -11.81 18.06
N MSE C 142 -2.11 -7.85 14.90
CA MSE C 142 -1.28 -6.65 14.94
C MSE C 142 -0.25 -6.74 16.06
O MSE C 142 -0.58 -6.92 17.22
CB MSE C 142 -2.13 -5.39 15.13
CG MSE C 142 -1.29 -4.12 15.23
SE MSE C 142 -2.28 -2.52 15.70
CE MSE C 142 -3.33 -2.29 14.07
N SER C 143 1.03 -6.60 15.67
CA SER C 143 2.12 -6.58 16.62
C SER C 143 2.93 -5.31 16.46
N VAL C 144 3.81 -5.04 17.42
CA VAL C 144 4.65 -3.85 17.37
C VAL C 144 6.12 -4.20 17.22
N SER C 145 6.65 -3.91 16.04
CA SER C 145 8.09 -4.02 15.81
C SER C 145 8.79 -2.84 16.44
N CYS C 146 9.68 -3.13 17.39
CA CYS C 146 10.31 -2.10 18.20
C CYS C 146 11.83 -2.13 18.04
N PHE C 147 12.36 -1.05 17.44
CA PHE C 147 13.79 -0.86 17.31
C PHE C 147 14.22 0.32 18.18
N VAL C 148 14.95 0.02 19.24
CA VAL C 148 15.39 1.06 20.15
C VAL C 148 16.70 1.68 19.77
N ARG C 149 16.66 2.98 19.54
CA ARG C 149 17.84 3.75 19.17
C ARG C 149 17.82 5.07 19.90
N MSE C 150 18.37 5.12 21.11
CA MSE C 150 18.35 6.36 21.86
C MSE C 150 19.09 7.35 21.02
O MSE C 150 20.04 6.94 20.37
CB MSE C 150 18.96 6.18 23.23
CG MSE C 150 18.22 5.08 23.97
SE MSE C 150 16.42 5.71 24.35
CE MSE C 150 16.97 7.46 24.99
N PRO C 151 18.64 8.66 20.91
CA PRO C 151 17.50 9.06 21.73
C PRO C 151 16.12 8.59 21.35
N ARG C 152 15.91 7.98 20.20
CA ARG C 152 14.55 7.61 19.82
C ARG C 152 14.13 6.16 19.84
N VAL C 153 12.83 5.91 19.89
CA VAL C 153 12.33 4.54 19.79
C VAL C 153 11.44 4.39 18.55
N GLN C 154 11.80 3.46 17.68
CA GLN C 154 11.10 3.25 16.43
C GLN C 154 10.07 2.13 16.54
N LEU C 155 8.81 2.44 16.18
CA LEU C 155 7.73 1.47 16.24
C LEU C 155 7.09 1.23 14.88
N SER C 156 6.67 -0.01 14.64
CA SER C 156 5.93 -0.35 13.43
C SER C 156 4.79 -1.33 13.76
N PHE C 157 3.56 -0.89 13.58
CA PHE C 157 2.40 -1.70 13.93
C PHE C 157 2.00 -2.60 12.76
N ARG C 158 2.64 -3.77 12.68
CA ARG C 158 2.46 -4.64 11.52
C ARG C 158 1.56 -5.83 11.81
N PHE C 159 0.67 -6.14 10.89
CA PHE C 159 -0.16 -7.34 10.99
C PHE C 159 0.65 -8.57 10.61
N MSE C 160 0.79 -9.49 11.54
CA MSE C 160 1.56 -10.72 11.32
C MSE C 160 0.64 -11.91 11.04
O MSE C 160 -0.46 -11.99 11.58
CB MSE C 160 2.45 -11.01 12.52
CG MSE C 160 3.28 -9.81 12.97
SE MSE C 160 4.53 -9.21 11.60
CE MSE C 160 5.76 -10.71 11.63
N GLY C 161 1.12 -12.82 10.21
CA GLY C 161 0.38 -14.03 9.89
C GLY C 161 1.07 -15.25 10.45
N PRO C 162 0.32 -16.36 10.58
CA PRO C 162 0.88 -17.60 11.12
C PRO C 162 1.92 -18.21 10.20
N ASP C 163 2.89 -18.93 10.77
CA ASP C 163 3.91 -19.61 9.99
C ASP C 163 3.26 -20.72 9.18
N ASP C 164 2.44 -21.52 9.87
CA ASP C 164 1.65 -22.56 9.22
C ASP C 164 0.19 -22.45 9.62
N ALA C 165 -0.65 -22.02 8.68
CA ALA C 165 -2.06 -21.76 8.96
C ALA C 165 -2.86 -23.01 9.33
N SER C 166 -2.52 -24.13 8.70
CA SER C 166 -3.24 -25.39 8.92
C SER C 166 -3.12 -25.84 10.37
N GLN C 167 -1.93 -25.68 10.93
CA GLN C 167 -1.68 -26.01 12.33
C GLN C 167 -2.55 -25.14 13.24
N THR C 168 -2.66 -23.87 12.89
CA THR C 168 -3.49 -22.93 13.65
C THR C 168 -4.95 -23.34 13.62
N GLN C 169 -5.45 -23.68 12.43
CA GLN C 169 -6.83 -24.13 12.29
C GLN C 169 -7.08 -25.41 13.07
N ARG C 170 -6.12 -26.33 13.02
CA ARG C 170 -6.22 -27.58 13.78
C ARG C 170 -6.32 -27.28 15.27
N LEU C 171 -5.48 -26.35 15.73
CA LEU C 171 -5.46 -25.97 17.14
C LEU C 171 -6.79 -25.33 17.54
N LEU C 172 -7.35 -24.52 16.65
CA LEU C 172 -8.65 -23.90 16.89
C LEU C 172 -9.75 -24.95 16.99
N ASP C 173 -9.67 -25.97 16.15
CA ASP C 173 -10.63 -27.08 16.19
C ASP C 173 -10.51 -27.81 17.52
N ARG C 174 -9.28 -28.06 17.95
CA ARG C 174 -9.01 -28.70 19.23
C ARG C 174 -9.59 -27.88 20.37
N ALA C 175 -9.44 -26.57 20.28
CA ALA C 175 -9.97 -25.66 21.29
C ALA C 175 -11.49 -25.70 21.35
N GLU C 176 -12.12 -25.78 20.18
CA GLU C 176 -13.57 -25.85 20.10
C GLU C 176 -14.08 -27.17 20.67
N LEU C 177 -13.36 -28.24 20.40
CA LEU C 177 -13.72 -29.57 20.91
C LEU C 177 -13.66 -29.62 22.44
N ARG C 178 -12.71 -28.87 23.01
CA ARG C 178 -12.55 -28.80 24.46
C ARG C 178 -13.77 -28.23 25.17
N GLN C 179 -14.63 -27.54 24.42
CA GLN C 179 -15.80 -26.91 24.98
C GLN C 179 -17.07 -27.56 24.42
N ARG C 180 -17.83 -28.19 25.31
CA ARG C 180 -19.02 -28.96 24.93
C ARG C 180 -18.68 -30.03 23.90
N LYS D 5 -27.20 -11.31 26.80
CA LYS D 5 -27.95 -10.94 25.61
C LYS D 5 -27.24 -9.84 24.82
N THR D 6 -26.40 -10.23 23.87
CA THR D 6 -25.74 -9.29 23.00
C THR D 6 -26.21 -9.53 21.56
N LEU D 7 -26.48 -8.45 20.84
CA LEU D 7 -27.04 -8.53 19.49
C LEU D 7 -26.13 -9.29 18.54
N THR D 8 -24.84 -9.03 18.63
CA THR D 8 -23.84 -9.63 17.75
C THR D 8 -22.80 -10.36 18.57
N ARG D 9 -22.45 -11.60 18.18
CA ARG D 9 -21.36 -12.30 18.83
C ARG D 9 -20.10 -11.46 18.72
N ALA D 10 -19.51 -11.13 19.86
CA ALA D 10 -18.36 -10.25 19.89
C ALA D 10 -17.10 -10.99 19.45
N ALA D 11 -16.01 -10.25 19.30
CA ALA D 11 -14.72 -10.87 19.04
C ALA D 11 -14.31 -11.73 20.23
N ARG D 12 -14.84 -11.42 21.41
CA ARG D 12 -14.48 -12.18 22.60
C ARG D 12 -15.16 -13.54 22.55
N ASP D 13 -16.32 -13.59 21.90
CA ASP D 13 -17.09 -14.83 21.77
C ASP D 13 -16.33 -15.76 20.84
N ARG D 14 -15.72 -15.16 19.81
CA ARG D 14 -14.93 -15.87 18.82
C ARG D 14 -13.59 -16.36 19.37
N TYR D 15 -12.96 -15.52 20.20
CA TYR D 15 -11.64 -15.83 20.74
C TYR D 15 -11.68 -16.58 22.07
N ALA D 16 -12.88 -16.80 22.61
CA ALA D 16 -13.02 -17.42 23.93
C ALA D 16 -12.51 -18.87 24.00
N PRO D 17 -12.93 -19.75 23.06
CA PRO D 17 -12.46 -21.14 23.15
C PRO D 17 -10.94 -21.26 23.10
N TYR D 18 -10.31 -20.51 22.20
CA TYR D 18 -8.87 -20.56 22.07
C TYR D 18 -8.18 -20.11 23.35
N PHE D 19 -8.71 -19.07 23.98
CA PHE D 19 -8.09 -18.52 25.18
C PHE D 19 -8.27 -19.46 26.37
N ALA D 20 -9.41 -20.14 26.42
CA ALA D 20 -9.59 -21.18 27.43
C ALA D 20 -8.56 -22.29 27.23
N TYR D 21 -8.41 -22.72 25.98
CA TYR D 21 -7.46 -23.78 25.64
C TYR D 21 -6.01 -23.37 25.93
N ALA D 22 -5.71 -22.09 25.74
CA ALA D 22 -4.37 -21.55 25.96
C ALA D 22 -4.08 -21.42 27.45
N ALA D 23 -5.12 -21.08 28.21
CA ALA D 23 -5.02 -21.09 29.67
C ALA D 23 -4.75 -22.51 30.13
N ALA D 24 -5.33 -23.47 29.43
CA ALA D 24 -5.10 -24.88 29.72
C ALA D 24 -3.73 -25.36 29.21
N GLN D 25 -3.36 -24.95 28.00
CA GLN D 25 -2.15 -25.45 27.36
C GLN D 25 -1.14 -24.34 27.05
N PRO D 26 -0.09 -24.24 27.88
CA PRO D 26 0.97 -23.21 27.76
C PRO D 26 1.84 -23.36 26.51
N SER D 27 2.31 -24.57 26.23
CA SER D 27 3.24 -24.80 25.12
C SER D 27 2.60 -24.48 23.77
N ASP D 28 1.32 -24.82 23.62
CA ASP D 28 0.58 -24.51 22.41
C ASP D 28 0.43 -23.00 22.25
N GLU D 29 0.28 -22.31 23.37
CA GLU D 29 0.22 -20.85 23.39
C GLU D 29 1.53 -20.24 22.91
N VAL D 30 2.64 -20.76 23.44
CA VAL D 30 3.96 -20.29 23.04
C VAL D 30 4.20 -20.51 21.56
N THR D 31 3.87 -21.70 21.09
CA THR D 31 4.01 -22.06 19.69
C THR D 31 3.17 -21.14 18.81
N THR D 32 1.95 -20.85 19.28
CA THR D 32 1.02 -20.01 18.54
C THR D 32 1.54 -18.57 18.40
N VAL D 33 1.97 -18.00 19.52
CA VAL D 33 2.42 -16.61 19.53
C VAL D 33 3.72 -16.46 18.74
N ARG D 34 4.60 -17.46 18.85
CA ARG D 34 5.86 -17.43 18.11
C ARG D 34 5.65 -17.69 16.62
N GLY D 35 4.58 -18.41 16.29
CA GLY D 35 4.29 -18.74 14.91
C GLY D 35 3.87 -17.55 14.07
N LEU D 36 3.46 -16.47 14.74
CA LEU D 36 3.04 -15.26 14.04
C LEU D 36 4.24 -14.43 13.59
N SER D 37 5.03 -14.99 12.69
CA SER D 37 6.28 -14.37 12.27
C SER D 37 6.26 -13.98 10.79
N ASN D 38 5.09 -14.10 10.16
CA ASN D 38 4.96 -13.76 8.75
C ASN D 38 4.25 -12.41 8.55
N PRO D 39 5.01 -11.39 8.12
CA PRO D 39 4.44 -10.06 7.87
C PRO D 39 3.55 -10.04 6.64
N LEU D 40 2.34 -9.51 6.78
CA LEU D 40 1.37 -9.50 5.69
C LEU D 40 1.69 -8.44 4.64
N ILE D 41 2.23 -7.31 5.09
CA ILE D 41 2.63 -6.24 4.17
C ILE D 41 4.15 -6.13 4.14
N LYS D 42 4.74 -6.50 3.01
CA LYS D 42 6.19 -6.56 2.90
C LYS D 42 6.77 -5.34 2.18
N THR D 43 5.97 -4.73 1.31
CA THR D 43 6.33 -3.45 0.69
C THR D 43 5.10 -2.56 0.64
N ALA D 44 5.28 -1.27 0.59
CA ALA D 44 4.17 -0.37 0.52
C ALA D 44 4.59 0.81 -0.29
N PRO D 45 3.68 1.31 -1.21
CA PRO D 45 4.15 2.46 -1.98
C PRO D 45 4.13 3.78 -1.26
N VAL D 46 5.02 4.68 -1.68
CA VAL D 46 5.09 6.02 -1.13
C VAL D 46 5.20 7.03 -2.26
N THR D 47 5.01 8.31 -1.94
CA THR D 47 5.09 9.36 -2.96
C THR D 47 6.13 10.40 -2.59
N LEU D 48 6.78 10.96 -3.60
CA LEU D 48 7.77 12.00 -3.40
C LEU D 48 7.10 13.37 -3.35
N PRO D 49 7.64 14.29 -2.53
CA PRO D 49 8.81 14.16 -1.64
C PRO D 49 8.54 13.28 -0.42
N PHE D 50 9.42 12.32 -0.18
CA PHE D 50 9.27 11.39 0.94
C PHE D 50 10.32 11.64 2.02
N ASP D 51 9.86 11.87 3.25
CA ASP D 51 10.76 12.08 4.37
C ASP D 51 11.23 10.73 4.90
N LEU D 52 12.54 10.52 4.89
CA LEU D 52 13.13 9.25 5.30
C LEU D 52 13.11 9.05 6.81
N GLY D 53 12.74 10.12 7.53
CA GLY D 53 12.62 10.04 8.97
C GLY D 53 11.43 9.20 9.40
N GLN D 54 10.55 8.89 8.45
CA GLN D 54 9.36 8.11 8.72
C GLN D 54 9.64 6.61 8.63
N ALA D 55 10.87 6.26 8.23
CA ALA D 55 11.24 4.86 8.06
C ALA D 55 11.94 4.33 9.30
N VAL D 56 11.57 3.13 9.73
CA VAL D 56 12.19 2.50 10.87
C VAL D 56 13.49 1.80 10.48
N ALA D 57 14.10 1.10 11.43
CA ALA D 57 15.44 0.56 11.26
C ALA D 57 15.56 -0.49 10.14
N ASP D 58 14.53 -1.30 9.96
CA ASP D 58 14.61 -2.38 8.98
C ASP D 58 13.95 -2.03 7.65
N ASN D 59 13.58 -0.77 7.47
CA ASN D 59 12.99 -0.32 6.21
C ASN D 59 14.03 0.01 5.15
N CYS D 60 13.77 -0.41 3.93
CA CYS D 60 14.60 -0.14 2.77
C CYS D 60 13.84 0.79 1.84
N LEU D 61 14.53 1.47 0.94
CA LEU D 61 13.83 2.34 -0.01
C LEU D 61 14.13 1.95 -1.46
N SER D 62 13.10 2.00 -2.30
CA SER D 62 13.27 1.69 -3.72
C SER D 62 12.71 2.81 -4.59
N LEU D 63 13.50 3.24 -5.56
CA LEU D 63 13.08 4.28 -6.50
C LEU D 63 13.34 3.84 -7.94
N SER D 64 12.28 3.77 -8.74
CA SER D 64 12.40 3.36 -10.14
C SER D 64 11.19 3.79 -10.97
N GLY D 65 11.21 3.42 -12.24
CA GLY D 65 10.10 3.71 -13.13
C GLY D 65 8.84 2.96 -12.73
N MSE D 66 9.02 1.90 -11.94
CA MSE D 66 7.90 1.14 -11.42
C MSE D 66 7.27 1.85 -10.24
O MSE D 66 6.20 1.47 -9.77
CB MSE D 66 8.34 -0.28 -11.02
CG MSE D 66 7.60 -1.38 -11.75
SE MSE D 66 7.89 -1.32 -13.67
CE MSE D 66 9.81 -1.67 -13.69
N GLY D 67 7.95 2.88 -9.75
CA GLY D 67 7.44 3.66 -8.63
C GLY D 67 8.41 3.76 -7.47
N TYR D 68 7.90 4.20 -6.33
CA TYR D 68 8.72 4.35 -5.12
C TYR D 68 8.12 3.55 -3.98
N TYR D 69 8.93 2.69 -3.36
CA TYR D 69 8.41 1.77 -2.35
C TYR D 69 9.25 1.70 -1.09
N LEU D 70 8.58 1.72 0.05
CA LEU D 70 9.22 1.46 1.34
C LEU D 70 9.00 0.00 1.69
N GLY D 71 10.09 -0.74 1.87
CA GLY D 71 9.98 -2.18 2.05
C GLY D 71 10.60 -2.72 3.32
N LEU D 72 10.24 -3.95 3.67
CA LEU D 72 10.83 -4.63 4.82
C LEU D 72 12.14 -5.30 4.41
N GLY D 73 13.23 -4.88 5.03
CA GLY D 73 14.55 -5.36 4.66
C GLY D 73 14.74 -6.86 4.78
N GLY D 74 14.06 -7.46 5.75
CA GLY D 74 14.15 -8.90 5.96
C GLY D 74 13.60 -9.69 4.79
N CYS D 75 12.65 -9.09 4.07
CA CYS D 75 12.00 -9.77 2.96
C CYS D 75 12.46 -9.24 1.61
N CYS D 76 13.57 -8.50 1.64
CA CYS D 76 14.18 -7.92 0.46
C CYS D 76 15.38 -8.66 -0.13
N PRO D 77 15.12 -8.98 -1.46
CA PRO D 77 16.18 -9.73 -2.15
C PRO D 77 17.45 -8.91 -2.32
N THR D 78 17.31 -7.63 -2.64
CA THR D 78 18.46 -6.75 -2.81
C THR D 78 19.18 -6.55 -1.49
N CYS D 79 18.44 -6.36 -0.42
CA CYS D 79 19.05 -6.23 0.87
C CYS D 79 19.76 -7.51 1.18
N ALA D 80 19.11 -8.62 0.95
CA ALA D 80 19.71 -9.91 1.24
C ALA D 80 21.04 -10.05 0.50
N ALA D 81 21.07 -9.55 -0.74
CA ALA D 81 22.27 -9.62 -1.56
C ALA D 81 23.40 -8.75 -0.99
N ALA D 82 23.05 -7.55 -0.53
CA ALA D 82 24.05 -6.64 0.02
C ALA D 82 24.41 -6.97 1.47
N GLU D 83 23.62 -7.84 2.10
CA GLU D 83 23.75 -8.11 3.54
C GLU D 83 25.11 -8.70 3.99
N PRO D 84 25.65 -9.69 3.26
CA PRO D 84 26.91 -10.28 3.76
C PRO D 84 28.09 -9.31 3.87
N ARG D 85 28.18 -8.35 2.95
CA ARG D 85 29.33 -7.44 2.96
C ARG D 85 29.22 -6.37 4.05
N LEU D 86 28.02 -6.18 4.60
CA LEU D 86 27.80 -5.14 5.61
C LEU D 86 27.71 -5.74 7.01
N GLY D 87 27.76 -4.87 8.03
CA GLY D 87 27.66 -5.29 9.41
C GLY D 87 27.85 -4.14 10.37
N ASP D 90 29.31 2.59 14.10
CA ASP D 90 30.67 3.08 14.19
C ASP D 90 30.68 4.60 14.27
N ARG D 91 29.87 5.16 15.17
CA ARG D 91 29.81 6.61 15.34
C ARG D 91 31.23 7.10 15.49
N ALA D 92 32.00 6.36 16.24
CA ALA D 92 33.40 6.72 16.40
C ALA D 92 34.13 6.61 15.07
N ALA D 93 33.77 5.62 14.25
CA ALA D 93 34.38 5.47 12.94
C ALA D 93 34.05 6.62 11.98
N LEU D 94 32.79 7.05 11.93
CA LEU D 94 32.44 8.18 11.06
C LEU D 94 33.08 9.48 11.56
N VAL D 95 33.02 9.71 12.87
CA VAL D 95 33.64 10.92 13.44
C VAL D 95 35.15 10.95 13.16
N LEU D 96 35.83 9.86 13.47
CA LEU D 96 37.28 9.75 13.21
C LEU D 96 37.61 9.88 11.73
N ALA D 97 36.77 9.33 10.86
CA ALA D 97 36.96 9.49 9.43
C ALA D 97 36.87 10.97 9.06
N TYR D 98 35.94 11.67 9.70
CA TYR D 98 35.75 13.10 9.49
C TYR D 98 36.95 13.93 9.95
N VAL D 99 37.42 13.66 11.15
CA VAL D 99 38.54 14.40 11.72
C VAL D 99 39.84 14.11 10.97
N GLN D 100 40.06 12.84 10.64
CA GLN D 100 41.27 12.41 9.98
C GLN D 100 41.08 12.35 8.47
N GLN D 101 40.07 13.04 7.97
CA GLN D 101 39.83 13.08 6.52
C GLN D 101 41.00 13.75 5.79
N LEU D 102 41.68 14.65 6.48
CA LEU D 102 42.78 15.43 5.91
C LEU D 102 43.86 14.52 5.36
N ASN D 103 44.19 13.47 6.11
CA ASN D 103 45.16 12.48 5.67
C ASN D 103 44.60 11.61 4.55
N SER D 104 43.32 11.30 4.64
CA SER D 104 42.67 10.37 3.72
C SER D 104 41.78 11.08 2.70
N ILE D 105 42.18 12.27 2.28
CA ILE D 105 41.39 13.08 1.35
C ILE D 105 41.03 12.39 0.02
N TYR D 106 41.98 11.63 -0.53
CA TYR D 106 41.81 11.02 -1.85
C TYR D 106 40.55 10.17 -1.98
N GLU D 107 40.29 9.35 -0.96
CA GLU D 107 39.18 8.41 -0.98
C GLU D 107 37.86 9.16 -1.03
N TYR D 108 37.88 10.42 -0.61
CA TYR D 108 36.67 11.22 -0.57
C TYR D 108 36.77 12.38 -1.56
N ARG D 109 37.57 12.20 -2.60
CA ARG D 109 37.87 13.27 -3.53
C ARG D 109 36.59 13.90 -4.11
N VAL D 110 35.64 13.05 -4.50
CA VAL D 110 34.40 13.51 -5.11
C VAL D 110 33.66 14.47 -4.19
N PHE D 111 33.75 14.23 -2.88
CA PHE D 111 33.12 15.11 -1.91
C PHE D 111 33.73 16.52 -1.98
N LEU D 112 35.05 16.59 -2.08
CA LEU D 112 35.73 17.88 -2.11
C LEU D 112 35.63 18.55 -3.48
N ALA D 113 35.67 17.73 -4.53
CA ALA D 113 35.64 18.22 -5.91
C ALA D 113 34.42 19.11 -6.10
N SER D 114 33.29 18.67 -5.55
CA SER D 114 32.05 19.43 -5.56
C SER D 114 32.31 20.85 -5.12
N VAL D 115 32.89 21.00 -3.92
CA VAL D 115 33.16 22.31 -3.37
C VAL D 115 34.14 23.03 -4.31
N ALA D 116 35.14 22.29 -4.76
CA ALA D 116 36.15 22.82 -5.66
C ALA D 116 35.50 23.31 -6.95
N ALA D 117 34.40 22.66 -7.33
CA ALA D 117 33.65 23.07 -8.51
C ALA D 117 32.86 24.33 -8.24
N ARG D 118 32.24 24.41 -7.07
CA ARG D 118 31.36 25.54 -6.77
C ARG D 118 32.11 26.78 -6.30
N ASP D 119 33.02 26.60 -5.34
CA ASP D 119 33.72 27.74 -4.77
C ASP D 119 35.05 27.31 -4.14
N PRO D 120 36.15 27.51 -4.90
CA PRO D 120 37.50 27.15 -4.46
C PRO D 120 37.99 27.96 -3.26
N SER D 121 37.18 28.92 -2.82
CA SER D 121 37.55 29.79 -1.70
C SER D 121 37.76 29.00 -0.40
N GLU D 122 38.56 29.56 0.49
CA GLU D 122 38.78 28.97 1.80
C GLU D 122 37.51 29.02 2.64
N ARG D 123 36.77 30.13 2.53
CA ARG D 123 35.54 30.32 3.29
C ARG D 123 34.49 29.28 2.93
N ALA D 124 34.48 28.86 1.67
CA ALA D 124 33.52 27.86 1.21
C ALA D 124 33.80 26.49 1.81
N LEU D 125 35.05 26.06 1.71
CA LEU D 125 35.46 24.77 2.26
C LEU D 125 35.28 24.75 3.77
N GLU D 126 35.58 25.88 4.41
CA GLU D 126 35.38 26.03 5.85
C GLU D 126 33.90 25.94 6.21
N GLU D 127 33.06 26.60 5.42
CA GLU D 127 31.62 26.61 5.65
C GLU D 127 31.03 25.21 5.48
N VAL D 128 31.55 24.46 4.51
CA VAL D 128 31.14 23.07 4.33
C VAL D 128 31.59 22.24 5.54
N LEU D 129 32.80 22.50 6.01
CA LEU D 129 33.35 21.78 7.15
C LEU D 129 32.66 22.17 8.46
N ALA D 130 31.88 23.24 8.44
CA ALA D 130 31.13 23.67 9.61
C ALA D 130 30.04 22.66 9.98
N HIS D 131 29.53 21.96 8.97
CA HIS D 131 28.51 20.94 9.17
C HIS D 131 29.04 19.56 8.83
N PRO D 132 29.57 18.84 9.83
CA PRO D 132 30.18 17.52 9.68
C PRO D 132 29.19 16.43 9.24
N GLU D 133 27.94 16.56 9.69
CA GLU D 133 26.91 15.56 9.43
C GLU D 133 26.65 15.35 7.93
N LEU D 134 26.93 16.38 7.14
CA LEU D 134 26.82 16.26 5.68
C LEU D 134 27.85 15.25 5.17
N PHE D 135 29.10 15.40 5.63
CA PHE D 135 30.15 14.47 5.29
C PHE D 135 29.84 13.08 5.85
N PHE D 136 29.20 13.03 7.02
CA PHE D 136 28.76 11.78 7.59
C PHE D 136 27.81 11.08 6.63
N ALA D 137 26.86 11.86 6.10
CA ALA D 137 25.89 11.36 5.14
C ALA D 137 26.59 10.80 3.90
N TYR D 138 27.44 11.61 3.29
CA TYR D 138 28.17 11.18 2.10
C TYR D 138 28.97 9.90 2.34
N TYR D 139 29.64 9.83 3.48
CA TYR D 139 30.48 8.69 3.82
C TYR D 139 29.64 7.43 4.03
N VAL D 140 28.53 7.55 4.73
CA VAL D 140 27.64 6.43 4.97
C VAL D 140 27.07 5.91 3.65
N LEU D 141 26.66 6.82 2.78
CA LEU D 141 26.11 6.45 1.48
C LEU D 141 27.15 5.76 0.60
N ARG D 142 28.36 6.31 0.57
CA ARG D 142 29.45 5.75 -0.22
C ARG D 142 29.88 4.36 0.28
N ASP D 143 30.02 4.24 1.60
CA ASP D 143 30.46 3.00 2.22
C ASP D 143 29.41 1.90 2.12
N GLY D 144 28.18 2.28 1.80
CA GLY D 144 27.09 1.33 1.69
C GLY D 144 26.97 0.69 0.32
N GLY D 145 27.96 0.92 -0.53
CA GLY D 145 27.96 0.37 -1.87
C GLY D 145 27.50 1.34 -2.94
N LEU D 146 26.95 2.47 -2.51
CA LEU D 146 26.54 3.52 -3.43
C LEU D 146 27.72 4.43 -3.77
N ARG D 147 28.62 3.92 -4.59
CA ARG D 147 29.89 4.58 -4.87
C ARG D 147 29.75 5.84 -5.72
N ASP D 148 28.95 5.75 -6.77
CA ASP D 148 28.93 6.79 -7.81
C ASP D 148 27.95 7.92 -7.53
N VAL D 149 27.62 8.13 -6.26
CA VAL D 149 26.78 9.25 -5.86
C VAL D 149 27.50 10.57 -6.03
N ARG D 150 26.76 11.62 -6.33
CA ARG D 150 27.32 12.96 -6.43
C ARG D 150 26.73 13.86 -5.36
N VAL D 151 27.46 14.90 -4.98
CA VAL D 151 27.00 15.78 -3.92
C VAL D 151 27.01 17.24 -4.37
N LEU D 152 26.00 17.97 -3.94
CA LEU D 152 25.86 19.37 -4.31
C LEU D 152 25.60 20.19 -3.05
N PHE D 153 26.08 21.42 -3.01
CA PHE D 153 25.87 22.26 -1.84
C PHE D 153 25.17 23.56 -2.21
N PHE D 154 24.05 23.82 -1.57
CA PHE D 154 23.32 25.06 -1.79
C PHE D 154 22.99 25.70 -0.45
N GLU D 155 22.71 26.99 -0.43
CA GLU D 155 22.31 27.63 0.81
C GLU D 155 20.81 27.42 1.05
N ASP D 156 20.42 27.40 2.32
CA ASP D 156 19.02 27.16 2.69
C ASP D 156 18.21 28.45 2.63
N PRO D 157 17.19 28.48 1.77
CA PRO D 157 16.32 29.66 1.62
C PRO D 157 15.36 29.82 2.79
N ASP D 158 14.93 28.71 3.37
CA ASP D 158 13.96 28.73 4.46
C ASP D 158 14.65 28.78 5.83
N ALA D 159 15.96 28.95 5.82
CA ALA D 159 16.72 29.04 7.06
C ALA D 159 17.82 30.10 6.98
N GLN D 160 18.25 30.60 8.13
CA GLN D 160 19.28 31.64 8.18
C GLN D 160 20.67 31.04 8.35
N GLY D 161 21.52 31.24 7.35
CA GLY D 161 22.89 30.75 7.39
C GLY D 161 22.98 29.24 7.53
N ALA D 162 22.08 28.52 6.87
CA ALA D 162 22.10 27.06 6.91
C ALA D 162 22.48 26.48 5.56
N LEU D 163 23.06 25.29 5.58
CA LEU D 163 23.54 24.65 4.37
C LEU D 163 22.71 23.41 4.01
N MSE D 164 22.44 23.25 2.72
CA MSE D 164 21.74 22.08 2.19
C MSE D 164 22.66 21.26 1.32
O MSE D 164 23.44 21.82 0.52
CB MSE D 164 20.51 22.49 1.38
CG MSE D 164 19.40 23.16 2.16
SE MSE D 164 17.94 23.66 0.95
CE MSE D 164 16.77 22.13 1.24
N MSE D 165 22.55 19.93 1.43
CA MSE D 165 23.32 19.06 0.55
C MSE D 165 22.42 18.14 -0.28
O MSE D 165 21.62 17.38 0.28
CB MSE D 165 24.31 18.22 1.34
CG MSE D 165 25.30 17.47 0.44
SE MSE D 165 26.50 16.26 1.39
CE MSE D 165 25.17 15.01 2.08
N TYR D 166 22.55 18.22 -1.60
CA TYR D 166 21.84 17.32 -2.50
C TYR D 166 22.69 16.09 -2.77
N VAL D 167 22.09 14.91 -2.71
CA VAL D 167 22.79 13.69 -3.06
C VAL D 167 22.16 13.09 -4.31
N VAL D 168 22.83 13.25 -5.44
CA VAL D 168 22.28 12.85 -6.72
C VAL D 168 22.78 11.46 -7.10
N PHE D 169 21.83 10.57 -7.43
CA PHE D 169 22.15 9.20 -7.79
C PHE D 169 22.37 9.06 -9.30
N PRO D 170 23.32 8.21 -9.69
CA PRO D 170 23.72 8.05 -11.09
C PRO D 170 22.72 7.30 -11.96
N GLU D 171 22.13 6.22 -11.43
CA GLU D 171 21.28 5.35 -12.23
C GLU D 171 19.80 5.69 -12.11
N LYS D 172 19.01 5.15 -13.03
CA LYS D 172 17.56 5.37 -13.04
C LYS D 172 16.84 4.41 -12.09
N SER D 173 17.61 3.55 -11.44
CA SER D 173 17.08 2.65 -10.43
C SER D 173 17.94 2.72 -9.18
N VAL D 174 17.31 3.03 -8.05
CA VAL D 174 18.03 3.23 -6.80
C VAL D 174 17.46 2.39 -5.66
N HIS D 175 18.34 1.81 -4.88
CA HIS D 175 17.95 1.04 -3.75
C HIS D 175 18.75 1.38 -2.54
N VAL D 176 18.11 1.79 -1.47
CA VAL D 176 18.79 2.10 -0.22
C VAL D 176 18.53 1.01 0.81
N HIS D 177 19.60 0.30 1.14
CA HIS D 177 19.59 -0.79 2.12
C HIS D 177 19.12 -0.30 3.48
N HIS D 178 18.50 -1.18 4.26
CA HIS D 178 17.97 -0.80 5.56
C HIS D 178 19.08 -0.45 6.55
N ARG D 179 20.21 -1.14 6.45
CA ARG D 179 21.37 -0.81 7.28
C ARG D 179 21.95 0.56 6.92
N VAL D 180 22.08 0.83 5.62
CA VAL D 180 22.62 2.10 5.16
C VAL D 180 21.68 3.24 5.55
N LEU D 181 20.38 3.01 5.41
CA LEU D 181 19.37 4.00 5.78
C LEU D 181 19.40 4.27 7.28
N ASP D 182 19.55 3.22 8.08
CA ASP D 182 19.58 3.34 9.53
C ASP D 182 20.78 4.10 9.96
N ARG D 183 21.93 3.70 9.46
CA ARG D 183 23.18 4.40 9.77
C ARG D 183 23.07 5.87 9.38
N LEU D 184 22.44 6.12 8.24
CA LEU D 184 22.26 7.47 7.72
C LEU D 184 21.43 8.32 8.68
N LEU D 185 20.29 7.77 9.11
CA LEU D 185 19.42 8.48 10.04
C LEU D 185 20.06 8.66 11.41
N GLY D 186 20.83 7.66 11.83
CA GLY D 186 21.51 7.71 13.11
C GLY D 186 22.61 8.76 13.16
N ALA D 187 23.37 8.88 12.07
CA ALA D 187 24.50 9.78 12.02
C ALA D 187 24.07 11.24 11.89
N CYS D 188 23.04 11.49 11.08
CA CYS D 188 22.58 12.85 10.81
C CYS D 188 21.38 13.22 11.68
N ALA D 189 21.55 13.13 12.99
CA ALA D 189 20.47 13.40 13.94
C ALA D 189 19.98 14.84 13.86
N GLY D 190 20.86 15.76 13.46
CA GLY D 190 20.52 17.16 13.38
C GLY D 190 19.79 17.56 12.12
N HIS D 191 19.78 16.66 11.13
CA HIS D 191 19.18 16.97 9.84
C HIS D 191 18.00 16.08 9.48
N ARG D 192 17.21 16.52 8.51
CA ARG D 192 16.19 15.68 7.90
C ARG D 192 16.58 15.44 6.44
N ILE D 193 16.29 14.22 5.99
CA ILE D 193 16.63 13.80 4.64
C ILE D 193 15.38 13.40 3.89
N VAL D 194 15.12 14.09 2.78
CA VAL D 194 13.89 13.87 2.02
C VAL D 194 14.18 13.43 0.59
N ALA D 195 13.50 12.39 0.14
CA ALA D 195 13.70 11.86 -1.20
C ALA D 195 12.95 12.69 -2.24
N HIS D 196 13.60 13.00 -3.34
CA HIS D 196 12.97 13.76 -4.39
C HIS D 196 13.34 13.24 -5.74
N VAL D 197 12.65 13.73 -6.75
CA VAL D 197 13.01 13.50 -8.14
C VAL D 197 12.97 14.83 -8.87
N TRP D 198 14.02 15.10 -9.64
CA TRP D 198 14.15 16.35 -10.35
C TRP D 198 14.77 16.11 -11.72
N GLN D 199 13.98 16.37 -12.76
CA GLN D 199 14.41 16.16 -14.15
C GLN D 199 14.92 14.73 -14.32
N THR D 200 14.11 13.77 -13.85
CA THR D 200 14.38 12.33 -13.93
C THR D 200 15.57 11.89 -13.07
N MSE D 201 16.09 12.80 -12.24
CA MSE D 201 17.21 12.47 -11.37
C MSE D 201 16.77 12.32 -9.92
O MSE D 201 16.24 13.25 -9.32
CB MSE D 201 18.30 13.54 -11.46
CG MSE D 201 19.03 13.57 -12.80
SE MSE D 201 20.47 14.90 -12.79
CE MSE D 201 21.18 14.57 -14.58
N PHE D 202 16.98 11.14 -9.35
CA PHE D 202 16.66 10.91 -7.95
C PHE D 202 17.71 11.55 -7.05
N VAL D 203 17.24 12.33 -6.07
CA VAL D 203 18.15 13.07 -5.20
C VAL D 203 17.67 13.06 -3.76
N LEU D 204 18.59 12.82 -2.82
CA LEU D 204 18.28 12.92 -1.41
C LEU D 204 18.67 14.29 -0.89
N VAL D 205 17.70 15.03 -0.40
CA VAL D 205 17.97 16.37 0.12
C VAL D 205 18.21 16.32 1.62
N VAL D 206 19.41 16.72 2.03
CA VAL D 206 19.76 16.75 3.45
C VAL D 206 19.78 18.20 3.91
N ARG D 207 18.90 18.53 4.85
CA ARG D 207 18.77 19.90 5.32
C ARG D 207 18.61 19.98 6.83
N LYS D 208 19.01 21.11 7.40
CA LYS D 208 18.99 21.31 8.84
C LYS D 208 17.57 21.32 9.39
N LYS D 209 17.38 20.68 10.54
CA LYS D 209 16.07 20.69 11.18
C LYS D 209 16.27 21.12 12.63
N GLY D 210 15.38 21.99 13.10
CA GLY D 210 15.41 22.42 14.49
C GLY D 210 16.71 23.18 14.70
N ASP D 211 17.33 22.97 15.86
CA ASP D 211 18.57 23.66 16.18
C ASP D 211 19.73 22.79 15.69
N GLY D 212 20.81 23.43 15.26
CA GLY D 212 21.99 22.70 14.83
C GLY D 212 22.79 22.15 15.99
N ARG D 213 23.48 21.05 15.77
CA ARG D 213 24.35 20.49 16.80
C ARG D 213 25.84 20.34 16.47
N PRO D 214 26.42 21.22 15.61
CA PRO D 214 27.86 21.01 15.45
C PRO D 214 28.61 21.27 16.74
N ALA D 215 28.09 22.22 17.53
CA ALA D 215 28.68 22.59 18.82
C ALA D 215 28.57 21.46 19.84
N PRO D 219 33.34 19.20 17.99
CA PRO D 219 34.75 19.63 18.00
C PRO D 219 35.08 20.57 16.85
N ALA D 220 36.32 20.49 16.35
CA ALA D 220 36.74 21.31 15.23
C ALA D 220 37.81 20.62 14.40
N VAL D 221 37.96 21.03 13.16
CA VAL D 221 38.95 20.44 12.25
C VAL D 221 39.73 21.51 11.50
N SER D 222 40.97 21.17 11.12
CA SER D 222 41.81 22.09 10.38
C SER D 222 41.26 22.33 8.98
N ALA D 223 41.05 23.60 8.62
CA ALA D 223 40.48 23.94 7.33
C ALA D 223 41.55 24.32 6.29
N SER D 224 42.46 25.20 6.69
CA SER D 224 43.51 25.69 5.81
C SER D 224 44.48 24.59 5.40
N ASP D 225 44.60 23.57 6.25
CA ASP D 225 45.47 22.43 5.97
C ASP D 225 44.89 21.61 4.82
N ILE D 226 43.57 21.50 4.80
CA ILE D 226 42.88 20.75 3.77
C ILE D 226 43.01 21.47 2.42
N TYR D 227 42.94 22.79 2.44
CA TYR D 227 43.17 23.60 1.25
C TYR D 227 44.61 23.43 0.76
N CYS D 228 45.55 23.53 1.70
CA CYS D 228 46.97 23.41 1.41
C CYS D 228 47.26 22.09 0.71
N LYS D 229 46.70 21.01 1.24
CA LYS D 229 46.80 19.71 0.59
C LYS D 229 46.07 19.72 -0.76
N MET D 230 44.96 20.44 -0.82
CA MET D 230 44.09 20.43 -1.99
C MET D 230 44.72 21.05 -3.23
N ARG D 231 45.56 22.06 -3.06
CA ARG D 231 46.26 22.65 -4.20
C ARG D 231 47.09 21.60 -4.95
N ASP D 232 47.69 20.69 -4.19
CA ASP D 232 48.52 19.63 -4.76
C ASP D 232 47.70 18.58 -5.49
N ILE D 233 46.51 18.27 -4.96
CA ILE D 233 45.68 17.19 -5.48
C ILE D 233 45.32 17.36 -6.96
N SER D 234 45.36 16.26 -7.70
CA SER D 234 44.99 16.28 -9.11
C SER D 234 43.60 15.68 -9.30
N PHE D 235 42.62 16.55 -9.52
CA PHE D 235 41.24 16.12 -9.73
C PHE D 235 41.07 15.49 -11.10
N ASP D 236 39.97 14.76 -11.27
CA ASP D 236 39.70 14.06 -12.52
C ASP D 236 39.51 15.02 -13.68
N GLY D 237 38.84 16.14 -13.41
CA GLY D 237 38.60 17.16 -14.41
C GLY D 237 37.32 16.95 -15.21
N GLU D 238 36.93 15.70 -15.39
CA GLU D 238 35.65 15.39 -16.00
C GLU D 238 34.58 15.36 -14.91
N LEU D 239 35.00 14.97 -13.72
CA LEU D 239 34.13 15.00 -12.55
C LEU D 239 33.74 16.44 -12.19
N LEU D 240 34.69 17.35 -12.39
CA LEU D 240 34.46 18.76 -12.10
C LEU D 240 33.47 19.38 -13.08
N LEU D 241 33.61 19.04 -14.37
CA LEU D 241 32.64 19.49 -15.36
C LEU D 241 31.28 18.85 -15.09
N GLU D 242 31.30 17.59 -14.68
CA GLU D 242 30.09 16.91 -14.24
C GLU D 242 29.38 17.72 -13.16
N TYR D 243 30.16 18.19 -12.20
CA TYR D 243 29.64 18.99 -11.10
C TYR D 243 29.14 20.35 -11.58
N LYS D 244 29.79 20.88 -12.62
CA LYS D 244 29.36 22.15 -13.22
C LYS D 244 27.96 21.96 -13.80
N ARG D 245 27.79 20.91 -14.59
CA ARG D 245 26.51 20.62 -15.23
C ARG D 245 25.44 20.28 -14.20
N LEU D 246 25.84 19.62 -13.11
CA LEU D 246 24.91 19.26 -12.04
C LEU D 246 24.43 20.47 -11.27
N TYR D 247 25.34 21.40 -11.00
CA TYR D 247 24.99 22.63 -10.31
C TYR D 247 24.10 23.49 -11.21
N ALA D 248 24.40 23.47 -12.51
CA ALA D 248 23.58 24.18 -13.48
C ALA D 248 22.17 23.61 -13.53
N ALA D 249 22.06 22.29 -13.47
CA ALA D 249 20.79 21.60 -13.59
C ALA D 249 19.90 21.80 -12.36
N PHE D 250 20.51 21.88 -11.19
CA PHE D 250 19.77 22.00 -9.94
C PHE D 250 19.59 23.45 -9.49
N GLU D 251 19.86 24.39 -10.40
CA GLU D 251 19.77 25.80 -10.09
C GLU D 251 18.33 26.22 -9.80
N ASP D 252 17.41 25.74 -10.63
CA ASP D 252 16.00 26.09 -10.48
C ASP D 252 15.25 25.14 -9.56
N PHE D 253 15.94 24.12 -9.07
CA PHE D 253 15.35 23.17 -8.12
C PHE D 253 15.00 23.87 -6.82
N ARG D 254 13.73 23.80 -6.45
CA ARG D 254 13.25 24.47 -5.24
C ARG D 254 12.48 23.48 -4.37
N PRO D 255 13.13 22.96 -3.34
CA PRO D 255 12.52 22.04 -2.38
C PRO D 255 11.43 22.74 -1.56
N PRO D 256 10.43 21.98 -1.09
CA PRO D 256 9.32 22.59 -0.35
C PRO D 256 9.75 23.12 1.01
N ARG D 257 8.86 23.86 1.66
CA ARG D 257 9.13 24.40 2.98
C ARG D 257 9.27 23.23 3.96
N PRO D 258 10.07 23.42 5.03
CA PRO D 258 10.22 22.34 6.01
C PRO D 258 8.90 22.01 6.72
CL CL E . -8.40 -0.73 1.87
ZN ZN F . 0.23 -6.85 -14.34
CL CL G . -14.25 -17.55 -0.55
CL CL H . -8.04 -18.79 3.43
NA NA I . 1.88 -0.25 5.31
CL CL J . 2.22 3.26 2.77
ZN ZN K . 15.60 -3.53 0.36
CL CL L . 12.94 18.72 1.44
#